data_8Q2E
#
_entry.id   8Q2E
#
_cell.length_a   131.511
_cell.length_b   131.511
_cell.length_c   189.017
_cell.angle_alpha   90.00
_cell.angle_beta   90.00
_cell.angle_gamma   120.00
#
_symmetry.space_group_name_H-M   'P 63 2 2'
#
loop_
_entity.id
_entity.type
_entity.pdbx_description
1 polymer 'Urease subunit gamma'
2 polymer 'Urease subunit beta'
3 polymer 'Urease subunit alpha'
4 non-polymer 1,2-ETHANEDIOL
5 non-polymer 'SULFATE ION'
6 non-polymer 'dimethylcarbamodithioic acid'
7 non-polymer 'NICKEL (II) ION'
8 non-polymer 'HYDROXIDE ION'
9 water water
#
loop_
_entity_poly.entity_id
_entity_poly.type
_entity_poly.pdbx_seq_one_letter_code
_entity_poly.pdbx_strand_id
1 'polypeptide(L)'
;(CXM)HLNPAEKEKLQIFLASELALKRKARGLKLNYPEAVAIITSFIMEGARDGKTVAMLMEEGKHVLTRDDVMEGVPEM
IDDIQAEATFPDGTKLVTVHNPIS
;
A
2 'polypeptide(L)'
;NYIVPGEYRVAEGEIEINAGREKTTIRVSNTGDRPIQVGSHIHFVEVNKELLFDRAEGIGRRLNIPSGTAARFEPGEEME
VELTELGGNREVFGISDLTNGSVDNKELILQRAKELGYKGVE
;
B
3 'polypeptide(L)'
;MKINRQQYAESYGPTVGDQVRLADTDLWIEVEKDYTTYGDEANFGGGKVLREGMGENGTYTRTENVLDLLLTNALILDYT
GIYKADIGVKDGYIVGIGKGGNPDIMDGVTPNMIVGTATEVIAAEGKIVTAGGIDTHVHFINPDQVDVALANGITTLFGG
GTGPAEGSKATTVTPGPWNIEKMLKSTEGLPINVGILGKGHGSSIAPIMEQIDAGAAGL(KCX)IHEDWGATPASIDRSL
TVADEADVQVAIHSDTLNEAGFLEDTLRAINGRVIHSFHVEGAGGGHAPDIMAMAGHPNVLPSSTNPTRPFTVNTIDEHL
DMLMVCHHLKQNIPEDVAFADSRIRPETIAAEDILHDLGIISMMSTDALAMGRAGEMVLRTWQTADKMKKQRGPLAEEKN
GSDNFRAKRYVSKYTINPAIAQGIAHEVGSIEEGKFADLVLWEPKFFGVKADRVIKGGIIAYAQIGDPSASIPTPQPVMG
RRMYGTVGDLIHDTNITFMSKSSIQQGVPAKLGLKRRIGTVKNCRNIGKKDMKWNDVTTDIDINPETYEVKVDGEVLTCE
PVKELPMAQRYFLF
;
C
#
# COMPACT_ATOMS: atom_id res chain seq x y z
N HIS A 2 -0.78 3.82 -39.20
CA HIS A 2 -0.61 2.43 -38.71
C HIS A 2 0.10 2.46 -37.36
N LEU A 3 -0.39 3.26 -36.43
CA LEU A 3 0.25 3.27 -35.12
C LEU A 3 -0.01 1.97 -34.37
N ASN A 4 1.03 1.45 -33.73
CA ASN A 4 0.94 0.28 -32.88
C ASN A 4 0.80 0.79 -31.46
N PRO A 5 0.58 -0.11 -30.48
CA PRO A 5 0.35 0.37 -29.14
C PRO A 5 1.48 1.23 -28.54
N ALA A 6 2.73 0.85 -28.77
CA ALA A 6 3.84 1.60 -28.21
C ALA A 6 3.93 3.01 -28.80
N GLU A 7 3.71 3.14 -30.10
CA GLU A 7 3.80 4.43 -30.74
C GLU A 7 2.76 5.35 -30.13
N LYS A 8 1.58 4.81 -29.88
CA LYS A 8 0.51 5.58 -29.28
C LYS A 8 0.92 6.05 -27.90
N GLU A 9 1.46 5.12 -27.10
CA GLU A 9 1.85 5.47 -25.75
C GLU A 9 2.94 6.52 -25.69
N LYS A 10 3.96 6.35 -26.54
CA LYS A 10 5.14 7.17 -26.47
C LYS A 10 4.88 8.60 -26.94
N LEU A 11 3.79 8.86 -27.68
CA LEU A 11 3.38 10.23 -27.94
C LEU A 11 3.18 11.00 -26.66
N GLN A 12 2.70 10.30 -25.61
N GLN A 12 2.73 10.35 -25.59
CA GLN A 12 2.48 10.90 -24.30
CA GLN A 12 2.45 11.08 -24.37
C GLN A 12 3.77 11.43 -23.69
C GLN A 12 3.75 11.38 -23.59
N ILE A 13 4.87 10.70 -23.90
CA ILE A 13 6.14 11.15 -23.35
C ILE A 13 6.58 12.47 -24.00
N PHE A 14 6.50 12.53 -25.33
CA PHE A 14 6.82 13.75 -26.03
C PHE A 14 5.98 14.89 -25.47
N LEU A 15 4.67 14.64 -25.32
CA LEU A 15 3.77 15.68 -24.86
C LEU A 15 4.17 16.15 -23.45
N ALA A 16 4.45 15.21 -22.56
CA ALA A 16 4.82 15.60 -21.20
C ALA A 16 6.12 16.42 -21.23
N SER A 17 7.07 15.98 -22.07
CA SER A 17 8.32 16.70 -22.24
C SER A 17 8.09 18.14 -22.72
N GLU A 18 7.21 18.34 -23.71
CA GLU A 18 6.89 19.68 -24.16
C GLU A 18 6.34 20.55 -23.03
N LEU A 19 5.46 19.98 -22.25
CA LEU A 19 4.85 20.63 -21.09
C LEU A 19 5.90 21.04 -20.10
N ALA A 20 6.80 20.10 -19.80
CA ALA A 20 7.88 20.35 -18.85
C ALA A 20 8.82 21.44 -19.34
N LEU A 21 9.17 21.42 -20.63
CA LEU A 21 10.06 22.42 -21.20
C LEU A 21 9.42 23.80 -21.14
N LYS A 22 8.10 23.91 -21.33
N LYS A 22 8.09 23.90 -21.25
CA LYS A 22 7.40 25.17 -21.16
CA LYS A 22 7.44 25.19 -21.16
C LYS A 22 7.58 25.68 -19.73
C LYS A 22 7.44 25.71 -19.72
N ARG A 23 7.38 24.79 -18.76
CA ARG A 23 7.48 25.15 -17.36
C ARG A 23 8.90 25.61 -17.03
N LYS A 24 9.92 24.92 -17.55
CA LYS A 24 11.31 25.31 -17.35
C LYS A 24 11.58 26.68 -17.97
N ALA A 25 10.99 26.95 -19.14
CA ALA A 25 11.20 28.22 -19.84
C ALA A 25 10.60 29.38 -19.05
N ARG A 26 9.57 29.18 -18.26
CA ARG A 26 9.10 30.30 -17.47
C ARG A 26 9.71 30.32 -16.08
N GLY A 27 10.77 29.56 -15.86
CA GLY A 27 11.59 29.77 -14.67
C GLY A 27 11.31 28.82 -13.52
N LEU A 28 10.51 27.74 -13.75
CA LEU A 28 10.21 26.85 -12.64
C LEU A 28 11.32 25.80 -12.49
N LYS A 29 11.71 25.50 -11.25
N LYS A 29 11.63 25.47 -11.23
CA LYS A 29 12.41 24.27 -10.98
CA LYS A 29 12.35 24.26 -10.88
C LYS A 29 11.45 23.10 -11.27
C LYS A 29 11.47 23.04 -11.16
N LEU A 30 11.96 22.11 -11.99
CA LEU A 30 11.17 20.97 -12.41
C LEU A 30 11.08 19.90 -11.32
N ASN A 31 9.93 19.20 -11.36
CA ASN A 31 9.65 18.10 -10.45
C ASN A 31 10.04 16.76 -11.07
N TYR A 32 9.72 15.69 -10.33
CA TYR A 32 10.15 14.35 -10.68
C TYR A 32 9.57 13.94 -12.03
N PRO A 33 8.26 13.89 -12.28
CA PRO A 33 7.79 13.45 -13.60
C PRO A 33 8.20 14.35 -14.77
N GLU A 34 8.31 15.67 -14.52
CA GLU A 34 8.78 16.62 -15.53
C GLU A 34 10.20 16.26 -15.99
N ALA A 35 11.07 16.06 -15.02
CA ALA A 35 12.46 15.74 -15.30
C ALA A 35 12.58 14.43 -16.07
N VAL A 36 11.83 13.40 -15.62
CA VAL A 36 11.89 12.12 -16.28
C VAL A 36 11.42 12.29 -17.73
N ALA A 37 10.33 13.04 -17.91
CA ALA A 37 9.79 13.20 -19.26
C ALA A 37 10.79 13.89 -20.19
N ILE A 38 11.46 14.96 -19.71
CA ILE A 38 12.39 15.67 -20.56
C ILE A 38 13.51 14.73 -20.99
N ILE A 39 14.10 14.02 -20.02
CA ILE A 39 15.23 13.16 -20.37
C ILE A 39 14.81 12.00 -21.28
N THR A 40 13.63 11.43 -21.03
CA THR A 40 13.13 10.32 -21.82
C THR A 40 12.92 10.75 -23.26
N SER A 41 12.24 11.87 -23.43
CA SER A 41 11.97 12.37 -24.80
C SER A 41 13.28 12.68 -25.53
N PHE A 42 14.25 13.22 -24.78
CA PHE A 42 15.56 13.49 -25.36
C PHE A 42 16.17 12.21 -25.95
N ILE A 43 16.10 11.10 -25.19
CA ILE A 43 16.61 9.80 -25.63
C ILE A 43 15.93 9.37 -26.91
N MET A 44 14.60 9.44 -26.94
N MET A 44 14.58 9.42 -26.91
CA MET A 44 13.88 8.90 -28.08
CA MET A 44 13.77 9.00 -28.06
C MET A 44 14.12 9.76 -29.32
C MET A 44 14.21 9.76 -29.31
N GLU A 45 14.23 11.10 -29.17
CA GLU A 45 14.55 11.99 -30.28
C GLU A 45 15.99 11.78 -30.73
N GLY A 46 16.89 11.45 -29.81
CA GLY A 46 18.24 11.14 -30.21
C GLY A 46 18.37 9.89 -31.07
N ALA A 47 17.60 8.86 -30.70
CA ALA A 47 17.56 7.66 -31.51
C ALA A 47 17.05 8.00 -32.90
N ARG A 48 15.99 8.80 -32.97
CA ARG A 48 15.41 9.19 -34.25
C ARG A 48 16.44 9.96 -35.10
N ASP A 49 17.32 10.75 -34.44
CA ASP A 49 18.42 11.47 -35.09
C ASP A 49 19.51 10.54 -35.57
N GLY A 50 19.58 9.32 -35.07
CA GLY A 50 20.58 8.38 -35.54
C GLY A 50 21.82 8.31 -34.65
N LYS A 51 21.74 8.87 -33.45
CA LYS A 51 22.81 8.67 -32.49
C LYS A 51 22.91 7.21 -32.06
N THR A 52 24.08 6.85 -31.48
CA THR A 52 24.27 5.53 -30.95
C THR A 52 23.74 5.46 -29.52
N VAL A 53 23.56 4.21 -29.07
CA VAL A 53 23.21 3.96 -27.68
C VAL A 53 24.29 4.57 -26.78
N ALA A 54 25.57 4.34 -27.10
CA ALA A 54 26.67 4.89 -26.29
C ALA A 54 26.62 6.43 -26.20
N MET A 55 26.31 7.13 -27.31
CA MET A 55 26.25 8.57 -27.30
C MET A 55 25.14 9.00 -26.33
N LEU A 56 24.02 8.26 -26.30
CA LEU A 56 22.85 8.74 -25.56
C LEU A 56 23.03 8.46 -24.09
N MET A 57 23.78 7.40 -23.78
CA MET A 57 24.12 7.13 -22.40
C MET A 57 24.96 8.27 -21.83
N GLU A 58 25.83 8.88 -22.64
CA GLU A 58 26.65 10.00 -22.22
C GLU A 58 25.81 11.26 -22.15
N GLU A 59 25.11 11.56 -23.24
CA GLU A 59 24.43 12.85 -23.34
C GLU A 59 23.33 12.96 -22.30
N GLY A 60 22.67 11.83 -22.00
CA GLY A 60 21.50 11.87 -21.13
C GLY A 60 21.87 12.33 -19.73
N LYS A 61 23.16 12.28 -19.40
CA LYS A 61 23.63 12.76 -18.10
C LYS A 61 23.83 14.28 -18.02
N HIS A 62 23.56 15.00 -19.10
CA HIS A 62 23.87 16.42 -19.16
C HIS A 62 22.67 17.20 -19.72
N VAL A 63 21.49 16.61 -19.68
CA VAL A 63 20.31 17.28 -20.20
C VAL A 63 19.74 18.22 -19.14
N LEU A 64 19.73 17.80 -17.88
CA LEU A 64 19.29 18.61 -16.77
C LEU A 64 20.33 18.50 -15.67
N THR A 65 20.53 19.59 -14.92
CA THR A 65 21.46 19.61 -13.79
C THR A 65 20.64 19.89 -12.53
N ARG A 66 21.29 19.81 -11.39
N ARG A 66 21.24 19.79 -11.35
CA ARG A 66 20.70 19.98 -10.06
CA ARG A 66 20.44 19.84 -10.12
C ARG A 66 19.81 21.21 -9.96
C ARG A 66 19.86 21.24 -9.89
N ASP A 67 20.33 22.31 -10.50
N ASP A 67 20.43 22.25 -10.57
CA ASP A 67 19.76 23.63 -10.39
CA ASP A 67 19.89 23.60 -10.51
C ASP A 67 18.59 23.80 -11.38
C ASP A 67 18.52 23.65 -11.20
N ASP A 68 18.31 22.77 -12.17
CA ASP A 68 17.10 22.78 -12.98
C ASP A 68 15.90 22.15 -12.26
N VAL A 69 16.11 21.44 -11.13
CA VAL A 69 15.07 20.62 -10.53
C VAL A 69 14.94 20.93 -9.05
N MET A 70 13.81 20.51 -8.49
CA MET A 70 13.51 20.70 -7.08
CA MET A 70 13.47 20.65 -7.08
C MET A 70 14.45 19.85 -6.21
N GLU A 71 14.61 20.30 -4.95
CA GLU A 71 15.34 19.55 -3.94
C GLU A 71 14.86 18.09 -3.90
N GLY A 72 15.82 17.15 -3.90
CA GLY A 72 15.51 15.75 -3.80
C GLY A 72 15.29 15.04 -5.13
N VAL A 73 14.92 15.75 -6.19
CA VAL A 73 14.65 15.11 -7.46
C VAL A 73 15.88 14.40 -7.99
N PRO A 74 17.11 14.97 -7.89
CA PRO A 74 18.26 14.23 -8.40
C PRO A 74 18.39 12.86 -7.74
N GLU A 75 18.14 12.79 -6.43
CA GLU A 75 18.34 11.55 -5.72
C GLU A 75 17.15 10.59 -5.89
N MET A 76 16.00 11.07 -6.36
CA MET A 76 14.86 10.24 -6.69
C MET A 76 15.08 9.49 -7.99
N ILE A 77 15.91 10.02 -8.89
CA ILE A 77 16.06 9.41 -10.22
C ILE A 77 17.38 8.64 -10.27
N ASP A 78 17.31 7.32 -10.09
CA ASP A 78 18.50 6.49 -10.18
C ASP A 78 18.87 6.17 -11.63
N ASP A 79 17.86 5.98 -12.48
N ASP A 79 17.86 5.91 -12.45
CA ASP A 79 18.13 5.86 -13.89
CA ASP A 79 18.04 5.50 -13.84
C ASP A 79 16.84 5.91 -14.66
C ASP A 79 16.84 6.05 -14.62
N ILE A 80 17.00 6.29 -15.92
CA ILE A 80 15.89 6.50 -16.82
C ILE A 80 16.15 5.57 -18.00
N GLN A 81 15.11 4.85 -18.40
CA GLN A 81 15.21 3.88 -19.49
CA GLN A 81 15.21 3.88 -19.49
C GLN A 81 14.19 4.20 -20.58
N ALA A 82 14.61 4.03 -21.84
CA ALA A 82 13.70 4.22 -22.95
C ALA A 82 14.12 3.30 -24.07
N GLU A 83 13.13 2.86 -24.85
CA GLU A 83 13.37 2.11 -26.04
C GLU A 83 12.89 2.94 -27.18
N ALA A 84 13.70 2.92 -28.25
CA ALA A 84 13.31 3.65 -29.42
C ALA A 84 13.89 2.97 -30.63
N THR A 85 13.41 3.37 -31.81
CA THR A 85 13.86 2.78 -33.06
C THR A 85 15.07 3.58 -33.55
N PHE A 86 16.23 2.95 -33.43
CA PHE A 86 17.48 3.43 -34.00
C PHE A 86 17.54 3.01 -35.45
N PRO A 87 18.56 3.46 -36.21
CA PRO A 87 18.67 3.05 -37.61
C PRO A 87 18.80 1.54 -37.72
N ASP A 88 19.34 0.90 -36.66
CA ASP A 88 19.49 -0.55 -36.61
C ASP A 88 18.44 -1.23 -35.73
N GLY A 89 17.22 -0.66 -35.65
CA GLY A 89 16.09 -1.28 -34.96
C GLY A 89 15.93 -0.80 -33.52
N THR A 90 14.98 -1.39 -32.77
CA THR A 90 14.71 -0.96 -31.41
C THR A 90 15.91 -1.32 -30.56
N LYS A 91 16.31 -0.39 -29.70
CA LYS A 91 17.30 -0.67 -28.68
C LYS A 91 16.90 0.03 -27.39
N LEU A 92 17.44 -0.50 -26.29
CA LEU A 92 17.23 0.02 -24.94
C LEU A 92 18.39 0.93 -24.59
N VAL A 93 18.04 2.12 -24.09
CA VAL A 93 19.00 3.02 -23.48
C VAL A 93 18.69 3.13 -21.99
N THR A 94 19.72 2.96 -21.17
CA THR A 94 19.61 3.31 -19.76
C THR A 94 20.59 4.42 -19.45
N VAL A 95 20.06 5.52 -18.88
CA VAL A 95 20.88 6.62 -18.43
C VAL A 95 20.96 6.54 -16.92
N HIS A 96 22.16 6.36 -16.40
N HIS A 96 22.15 6.29 -16.38
CA HIS A 96 22.37 6.14 -14.98
CA HIS A 96 22.34 6.16 -14.95
C HIS A 96 22.64 7.48 -14.30
C HIS A 96 22.57 7.55 -14.34
N ASN A 97 21.99 7.75 -13.16
CA ASN A 97 22.15 8.98 -12.42
C ASN A 97 22.18 10.18 -13.37
N PRO A 98 21.07 10.43 -14.11
CA PRO A 98 21.07 11.49 -15.12
C PRO A 98 21.30 12.91 -14.62
N ILE A 99 20.96 13.16 -13.36
CA ILE A 99 21.07 14.48 -12.76
C ILE A 99 21.96 14.36 -11.54
N SER A 100 23.17 14.93 -11.60
CA SER A 100 24.12 14.78 -10.50
C SER A 100 23.84 15.73 -9.34
N ASN B 1 19.36 19.23 6.72
CA ASN B 1 17.93 18.96 6.45
C ASN B 1 17.57 19.11 4.95
N TYR B 2 18.53 18.96 4.03
CA TYR B 2 18.20 18.58 2.66
C TYR B 2 17.40 17.27 2.70
N ILE B 3 16.29 17.19 1.97
CA ILE B 3 15.40 16.02 2.06
C ILE B 3 15.62 15.11 0.86
N VAL B 4 16.06 13.87 1.13
CA VAL B 4 16.08 12.86 0.08
C VAL B 4 14.82 12.01 0.30
N PRO B 5 13.82 12.07 -0.58
CA PRO B 5 12.58 11.32 -0.31
C PRO B 5 12.86 9.85 -0.11
N GLY B 6 12.25 9.27 0.95
CA GLY B 6 12.35 7.85 1.23
C GLY B 6 13.70 7.36 1.73
N GLU B 7 14.58 8.29 2.12
CA GLU B 7 15.92 7.89 2.52
C GLU B 7 15.90 7.09 3.81
N TYR B 8 16.96 6.30 3.99
CA TYR B 8 17.17 5.58 5.23
C TYR B 8 18.07 6.39 6.16
N ARG B 9 17.88 6.22 7.48
CA ARG B 9 18.88 6.55 8.50
C ARG B 9 19.13 5.25 9.25
N VAL B 10 20.16 4.50 8.87
CA VAL B 10 20.40 3.19 9.44
C VAL B 10 21.01 3.37 10.81
N ALA B 11 20.78 2.41 11.68
CA ALA B 11 21.37 2.49 13.00
C ALA B 11 22.85 2.11 12.89
N GLU B 12 23.55 2.31 13.99
CA GLU B 12 24.96 1.95 14.09
C GLU B 12 25.11 0.45 14.29
N GLY B 13 26.24 -0.04 13.83
CA GLY B 13 26.61 -1.40 14.14
C GLY B 13 26.82 -2.18 12.85
N GLU B 14 26.94 -3.49 13.03
CA GLU B 14 27.16 -4.40 11.94
C GLU B 14 26.31 -5.63 12.22
N ILE B 15 25.97 -6.31 11.14
CA ILE B 15 25.15 -7.50 11.22
C ILE B 15 26.05 -8.68 11.02
N GLU B 16 26.12 -9.58 12.01
CA GLU B 16 26.87 -10.80 11.88
C GLU B 16 26.00 -11.89 11.28
N ILE B 17 26.41 -12.44 10.14
CA ILE B 17 25.64 -13.52 9.51
C ILE B 17 26.06 -14.88 10.04
N ASN B 18 25.09 -15.81 10.04
CA ASN B 18 25.34 -17.19 10.40
C ASN B 18 26.03 -17.26 11.77
N ALA B 19 25.53 -16.47 12.72
CA ALA B 19 26.17 -16.36 14.01
C ALA B 19 26.03 -17.68 14.77
N GLY B 20 27.10 -18.06 15.47
CA GLY B 20 27.02 -19.24 16.32
C GLY B 20 27.21 -20.55 15.56
N ARG B 21 27.45 -20.54 14.24
CA ARG B 21 27.67 -21.77 13.52
C ARG B 21 29.18 -21.93 13.28
N GLU B 22 29.65 -23.18 13.26
CA GLU B 22 31.05 -23.46 12.98
C GLU B 22 31.43 -23.00 11.59
N LYS B 23 32.63 -22.42 11.45
CA LYS B 23 33.19 -22.00 10.17
C LYS B 23 34.36 -22.88 9.78
N THR B 24 34.56 -23.09 8.48
CA THR B 24 35.64 -23.93 7.99
C THR B 24 36.20 -23.26 6.75
N THR B 25 37.53 -23.14 6.70
CA THR B 25 38.21 -22.63 5.52
C THR B 25 38.81 -23.76 4.70
N ILE B 26 38.57 -23.80 3.39
CA ILE B 26 39.15 -24.81 2.53
C ILE B 26 39.61 -24.18 1.22
N ARG B 27 40.56 -24.85 0.58
CA ARG B 27 41.08 -24.49 -0.73
CA ARG B 27 41.05 -24.43 -0.73
C ARG B 27 40.23 -25.17 -1.81
N VAL B 28 39.92 -24.45 -2.87
CA VAL B 28 39.10 -24.98 -3.97
C VAL B 28 39.69 -24.52 -5.30
N SER B 29 39.77 -25.46 -6.27
N SER B 29 39.92 -25.42 -6.27
CA SER B 29 40.39 -25.24 -7.57
CA SER B 29 40.36 -24.90 -7.55
C SER B 29 39.36 -25.46 -8.66
C SER B 29 39.47 -25.41 -8.66
N ASN B 30 39.20 -24.49 -9.60
CA ASN B 30 38.43 -24.76 -10.80
C ASN B 30 39.37 -25.37 -11.84
N THR B 31 39.29 -26.69 -11.98
CA THR B 31 40.16 -27.42 -12.89
C THR B 31 39.61 -27.39 -14.30
N GLY B 32 38.43 -26.78 -14.48
CA GLY B 32 37.82 -26.67 -15.79
C GLY B 32 38.28 -25.43 -16.56
N ASP B 33 37.80 -25.27 -17.81
CA ASP B 33 38.24 -24.19 -18.67
C ASP B 33 37.14 -23.14 -18.87
N ARG B 34 36.09 -23.22 -18.02
CA ARG B 34 34.98 -22.28 -18.09
C ARG B 34 34.70 -21.82 -16.68
N PRO B 35 34.21 -20.59 -16.48
CA PRO B 35 34.03 -20.06 -15.13
C PRO B 35 32.90 -20.76 -14.37
N ILE B 36 33.04 -20.82 -13.05
CA ILE B 36 32.06 -21.42 -12.16
C ILE B 36 31.78 -20.43 -11.05
N GLN B 37 30.51 -20.07 -10.86
CA GLN B 37 30.09 -19.21 -9.78
C GLN B 37 29.11 -20.00 -8.88
N VAL B 38 29.32 -19.95 -7.55
CA VAL B 38 28.65 -20.78 -6.58
C VAL B 38 27.88 -19.90 -5.61
N GLY B 39 26.56 -20.13 -5.50
CA GLY B 39 25.73 -19.33 -4.62
C GLY B 39 25.87 -19.65 -3.14
N SER B 40 25.33 -18.74 -2.30
CA SER B 40 25.51 -18.83 -0.85
C SER B 40 24.91 -20.10 -0.24
N HIS B 41 23.84 -20.67 -0.86
CA HIS B 41 23.04 -21.70 -0.18
C HIS B 41 23.00 -23.05 -0.90
N ILE B 42 23.93 -23.30 -1.83
CA ILE B 42 24.07 -24.64 -2.38
C ILE B 42 24.94 -25.50 -1.45
N HIS B 43 24.45 -26.69 -1.17
CA HIS B 43 25.16 -27.70 -0.38
C HIS B 43 26.52 -27.91 -1.01
N PHE B 44 27.60 -27.62 -0.29
CA PHE B 44 28.85 -27.33 -1.01
C PHE B 44 29.42 -28.60 -1.67
N VAL B 45 29.15 -29.78 -1.10
CA VAL B 45 29.69 -31.01 -1.64
C VAL B 45 29.08 -31.28 -3.00
N GLU B 46 27.95 -30.63 -3.34
CA GLU B 46 27.28 -30.98 -4.59
C GLU B 46 27.58 -30.03 -5.77
N VAL B 47 28.57 -29.13 -5.64
CA VAL B 47 28.94 -28.22 -6.70
C VAL B 47 29.63 -29.00 -7.82
N ASN B 48 29.74 -28.31 -8.95
CA ASN B 48 30.34 -28.74 -10.19
C ASN B 48 31.48 -29.74 -9.92
N LYS B 49 31.42 -30.90 -10.65
CA LYS B 49 32.44 -31.95 -10.54
C LYS B 49 33.88 -31.45 -10.69
N GLU B 50 34.11 -30.42 -11.55
N GLU B 50 34.08 -30.41 -11.52
CA GLU B 50 35.45 -30.03 -11.91
CA GLU B 50 35.42 -30.03 -11.92
C GLU B 50 36.07 -29.10 -10.86
C GLU B 50 36.04 -29.04 -10.93
N LEU B 51 35.31 -28.69 -9.85
CA LEU B 51 35.92 -28.04 -8.72
C LEU B 51 36.57 -29.09 -7.84
N LEU B 52 37.86 -28.90 -7.60
CA LEU B 52 38.66 -29.83 -6.81
C LEU B 52 38.86 -29.25 -5.44
N PHE B 53 38.44 -30.01 -4.44
CA PHE B 53 38.58 -29.69 -3.03
C PHE B 53 38.31 -30.97 -2.24
N ASP B 54 38.57 -30.97 -0.93
CA ASP B 54 38.29 -32.10 -0.09
C ASP B 54 36.77 -32.19 0.08
N ARG B 55 36.12 -33.05 -0.71
CA ARG B 55 34.67 -33.08 -0.81
C ARG B 55 34.05 -33.35 0.55
N ALA B 56 34.69 -34.18 1.39
CA ALA B 56 34.21 -34.40 2.75
C ALA B 56 33.94 -33.11 3.49
N GLU B 57 34.76 -32.06 3.28
CA GLU B 57 34.67 -30.86 4.07
C GLU B 57 33.54 -29.98 3.55
N GLY B 58 32.93 -30.34 2.44
CA GLY B 58 31.75 -29.61 1.96
C GLY B 58 30.42 -30.18 2.44
N ILE B 59 30.43 -31.34 3.10
CA ILE B 59 29.21 -32.03 3.48
C ILE B 59 28.58 -31.31 4.65
N GLY B 60 27.28 -31.02 4.52
CA GLY B 60 26.60 -30.35 5.63
C GLY B 60 26.90 -28.86 5.71
N ARG B 61 27.49 -28.29 4.65
CA ARG B 61 28.00 -26.93 4.66
C ARG B 61 27.61 -26.17 3.38
N ARG B 62 27.76 -24.85 3.46
CA ARG B 62 27.58 -23.94 2.35
C ARG B 62 28.53 -22.76 2.58
N LEU B 63 28.62 -21.90 1.57
CA LEU B 63 29.49 -20.71 1.69
C LEU B 63 29.01 -19.77 2.79
N ASN B 64 29.96 -19.29 3.60
CA ASN B 64 29.71 -18.28 4.61
C ASN B 64 29.79 -16.89 3.99
N ILE B 65 28.84 -16.58 3.11
CA ILE B 65 28.79 -15.30 2.44
C ILE B 65 27.35 -14.80 2.59
N PRO B 66 27.13 -13.49 2.43
CA PRO B 66 25.78 -12.95 2.54
C PRO B 66 24.82 -13.70 1.63
N SER B 67 23.63 -13.88 2.17
CA SER B 67 22.56 -14.56 1.49
C SER B 67 22.34 -13.88 0.15
N GLY B 68 22.35 -14.67 -0.92
CA GLY B 68 22.08 -14.16 -2.25
C GLY B 68 23.33 -13.73 -3.03
N THR B 69 24.51 -13.89 -2.44
CA THR B 69 25.76 -13.61 -3.14
C THR B 69 26.39 -14.94 -3.57
N ALA B 70 27.49 -14.84 -4.32
CA ALA B 70 28.13 -16.01 -4.90
C ALA B 70 29.64 -15.82 -4.92
N ALA B 71 30.40 -16.92 -4.90
CA ALA B 71 31.84 -16.94 -5.07
C ALA B 71 32.16 -17.29 -6.52
N ARG B 72 33.07 -16.54 -7.18
CA ARG B 72 33.42 -16.81 -8.57
C ARG B 72 34.79 -17.48 -8.67
N PHE B 73 34.89 -18.52 -9.52
CA PHE B 73 36.14 -19.21 -9.85
C PHE B 73 36.36 -19.12 -11.35
N GLU B 74 37.32 -18.29 -11.76
CA GLU B 74 37.68 -18.22 -13.17
C GLU B 74 38.30 -19.56 -13.53
N PRO B 75 38.39 -19.90 -14.83
CA PRO B 75 39.09 -21.11 -15.27
C PRO B 75 40.51 -21.17 -14.74
N GLY B 76 40.85 -22.29 -14.09
CA GLY B 76 42.17 -22.50 -13.56
C GLY B 76 42.38 -21.86 -12.20
N GLU B 77 41.40 -21.14 -11.66
CA GLU B 77 41.66 -20.40 -10.44
C GLU B 77 41.51 -21.28 -9.20
N GLU B 78 42.45 -21.15 -8.26
CA GLU B 78 42.40 -21.79 -6.96
C GLU B 78 42.31 -20.72 -5.89
N MET B 79 41.38 -20.82 -4.95
CA MET B 79 41.38 -19.87 -3.86
C MET B 79 40.78 -20.50 -2.61
N GLU B 80 40.94 -19.84 -1.47
CA GLU B 80 40.32 -20.30 -0.25
C GLU B 80 38.92 -19.72 -0.14
N VAL B 81 37.98 -20.52 0.37
CA VAL B 81 36.65 -20.02 0.72
C VAL B 81 36.37 -20.41 2.17
N GLU B 82 35.45 -19.68 2.79
CA GLU B 82 35.01 -20.02 4.12
C GLU B 82 33.60 -20.60 4.04
N LEU B 83 33.39 -21.74 4.70
CA LEU B 83 32.09 -22.40 4.76
C LEU B 83 31.48 -22.23 6.14
N THR B 84 30.14 -22.21 6.16
CA THR B 84 29.40 -22.34 7.40
C THR B 84 28.55 -23.62 7.34
N GLU B 85 27.93 -23.98 8.47
CA GLU B 85 27.07 -25.16 8.59
C GLU B 85 25.66 -24.87 8.07
N LEU B 86 25.09 -25.83 7.34
CA LEU B 86 23.65 -25.83 7.08
C LEU B 86 22.91 -25.88 8.41
N GLY B 87 21.72 -25.29 8.42
CA GLY B 87 20.87 -25.31 9.61
C GLY B 87 19.57 -26.07 9.35
N GLY B 88 18.51 -25.67 10.04
CA GLY B 88 17.24 -26.38 9.98
C GLY B 88 17.39 -27.86 10.34
N ASN B 89 16.78 -28.73 9.53
CA ASN B 89 16.85 -30.16 9.76
C ASN B 89 18.16 -30.80 9.28
N ARG B 90 19.02 -30.01 8.60
CA ARG B 90 20.27 -30.50 8.06
C ARG B 90 20.02 -31.72 7.19
N GLU B 91 19.14 -31.51 6.21
CA GLU B 91 18.87 -32.48 5.19
C GLU B 91 18.96 -31.78 3.85
N VAL B 92 19.38 -32.51 2.82
CA VAL B 92 19.43 -31.96 1.49
C VAL B 92 18.79 -32.96 0.55
N PHE B 93 17.95 -32.43 -0.36
CA PHE B 93 17.34 -33.22 -1.39
C PHE B 93 17.57 -32.57 -2.73
N GLY B 94 17.73 -33.40 -3.75
CA GLY B 94 17.86 -32.91 -5.09
C GLY B 94 19.24 -32.30 -5.30
N ILE B 95 19.29 -31.18 -6.03
CA ILE B 95 20.54 -30.56 -6.48
C ILE B 95 21.28 -31.51 -7.41
N SER B 96 22.30 -32.20 -6.88
CA SER B 96 23.04 -33.14 -7.72
C SER B 96 22.70 -34.60 -7.36
N ASP B 97 21.72 -34.78 -6.47
CA ASP B 97 21.28 -36.09 -6.01
C ASP B 97 22.40 -36.83 -5.26
N LEU B 98 23.28 -36.12 -4.56
CA LEU B 98 24.34 -36.79 -3.82
C LEU B 98 23.86 -37.12 -2.41
N THR B 99 22.86 -36.42 -1.88
CA THR B 99 22.51 -36.55 -0.47
C THR B 99 21.13 -37.20 -0.29
N ASN B 100 20.08 -36.49 -0.74
CA ASN B 100 18.72 -36.97 -0.62
C ASN B 100 18.44 -37.57 0.76
N GLY B 101 18.64 -36.76 1.78
CA GLY B 101 18.47 -37.18 3.15
C GLY B 101 19.35 -36.39 4.10
N SER B 102 19.63 -37.01 5.25
CA SER B 102 20.48 -36.37 6.22
C SER B 102 21.86 -36.10 5.63
N VAL B 103 22.45 -34.97 6.03
CA VAL B 103 23.84 -34.67 5.67
C VAL B 103 24.80 -35.51 6.55
N ASP B 104 24.28 -36.15 7.61
CA ASP B 104 25.10 -37.02 8.48
C ASP B 104 25.60 -38.29 7.79
N ASN B 105 25.03 -38.67 6.63
CA ASN B 105 25.37 -39.89 5.92
C ASN B 105 26.59 -39.69 5.03
N LYS B 106 27.72 -39.39 5.67
CA LYS B 106 28.91 -38.93 4.96
C LYS B 106 29.45 -39.98 4.00
N GLU B 107 29.43 -41.24 4.43
N GLU B 107 29.52 -41.26 4.40
CA GLU B 107 30.05 -42.32 3.69
CA GLU B 107 30.12 -42.27 3.54
C GLU B 107 29.28 -42.51 2.38
C GLU B 107 29.27 -42.48 2.29
N LEU B 108 27.94 -42.42 2.46
CA LEU B 108 27.07 -42.63 1.31
C LEU B 108 27.18 -41.46 0.32
N ILE B 109 27.22 -40.24 0.85
CA ILE B 109 27.42 -39.06 0.00
C ILE B 109 28.72 -39.19 -0.80
N LEU B 110 29.81 -39.53 -0.11
CA LEU B 110 31.12 -39.59 -0.76
C LEU B 110 31.18 -40.73 -1.76
N GLN B 111 30.50 -41.84 -1.45
CA GLN B 111 30.50 -42.96 -2.37
C GLN B 111 29.81 -42.55 -3.68
N ARG B 112 28.68 -41.83 -3.55
CA ARG B 112 28.02 -41.35 -4.74
C ARG B 112 28.88 -40.35 -5.50
N ALA B 113 29.50 -39.42 -4.76
CA ALA B 113 30.35 -38.38 -5.36
C ALA B 113 31.48 -39.04 -6.14
N LYS B 114 32.04 -40.08 -5.54
CA LYS B 114 33.17 -40.73 -6.21
C LYS B 114 32.73 -41.46 -7.47
N GLU B 115 31.63 -42.21 -7.41
CA GLU B 115 31.17 -42.97 -8.56
C GLU B 115 30.84 -42.03 -9.71
N LEU B 116 30.35 -40.81 -9.42
CA LEU B 116 29.93 -39.89 -10.48
C LEU B 116 31.05 -38.94 -10.92
N GLY B 117 32.20 -39.02 -10.27
CA GLY B 117 33.37 -38.27 -10.72
C GLY B 117 33.43 -36.82 -10.23
N TYR B 118 32.84 -36.54 -9.05
CA TYR B 118 33.05 -35.28 -8.37
C TYR B 118 34.47 -35.28 -7.83
N LYS B 119 35.30 -34.30 -8.23
CA LYS B 119 36.70 -34.31 -7.86
C LYS B 119 36.92 -34.04 -6.38
N GLY B 120 37.89 -34.78 -5.81
CA GLY B 120 38.41 -34.56 -4.48
C GLY B 120 37.84 -35.48 -3.41
N VAL B 121 37.33 -36.66 -3.80
CA VAL B 121 36.96 -37.68 -2.83
C VAL B 121 38.17 -38.58 -2.62
N GLU B 122 38.58 -38.90 -1.39
CA GLU B 122 39.73 -39.80 -1.24
C GLU B 122 39.62 -41.08 -2.12
N MET C 1 31.71 -13.39 9.73
CA MET C 1 31.66 -12.28 8.74
C MET C 1 30.50 -11.34 9.11
N LYS C 2 30.75 -10.05 8.99
CA LYS C 2 29.78 -9.03 9.34
C LYS C 2 29.55 -8.12 8.15
N ILE C 3 28.35 -7.55 8.06
CA ILE C 3 27.94 -6.68 6.97
C ILE C 3 27.66 -5.33 7.63
N ASN C 4 28.16 -4.20 7.10
CA ASN C 4 27.77 -2.94 7.71
C ASN C 4 26.31 -2.67 7.41
N ARG C 5 25.71 -1.84 8.26
N ARG C 5 25.70 -1.87 8.27
CA ARG C 5 24.28 -1.66 8.28
CA ARG C 5 24.26 -1.72 8.25
C ARG C 5 23.78 -0.99 7.01
C ARG C 5 23.79 -1.01 6.98
N GLN C 6 24.57 -0.08 6.43
CA GLN C 6 24.16 0.59 5.21
C GLN C 6 24.00 -0.41 4.08
N GLN C 7 25.03 -1.25 3.93
N GLN C 7 25.00 -1.27 3.85
CA GLN C 7 25.05 -2.27 2.92
CA GLN C 7 24.91 -2.23 2.77
C GLN C 7 23.91 -3.28 3.15
C GLN C 7 23.88 -3.33 3.12
N TYR C 8 23.70 -3.68 4.41
CA TYR C 8 22.68 -4.65 4.78
C TYR C 8 21.32 -4.11 4.28
N ALA C 9 21.03 -2.85 4.64
CA ALA C 9 19.74 -2.26 4.30
C ALA C 9 19.55 -2.11 2.81
N GLU C 10 20.64 -1.79 2.08
CA GLU C 10 20.56 -1.71 0.63
C GLU C 10 20.21 -3.06 0.00
N SER C 11 20.73 -4.17 0.53
CA SER C 11 20.53 -5.49 -0.04
C SER C 11 19.20 -6.13 0.39
N TYR C 12 18.79 -5.98 1.67
CA TYR C 12 17.68 -6.76 2.21
C TYR C 12 16.53 -5.91 2.78
N GLY C 13 16.66 -4.58 2.66
CA GLY C 13 15.80 -3.63 3.30
C GLY C 13 16.28 -3.45 4.74
N PRO C 14 15.73 -2.47 5.45
CA PRO C 14 16.17 -2.11 6.78
C PRO C 14 15.87 -3.17 7.84
N THR C 15 16.66 -3.16 8.93
CA THR C 15 16.44 -4.07 10.04
C THR C 15 16.40 -3.26 11.32
N VAL C 16 16.36 -3.99 12.45
CA VAL C 16 15.94 -3.42 13.72
C VAL C 16 16.73 -2.15 14.03
N GLY C 17 16.02 -1.08 14.39
CA GLY C 17 16.63 0.18 14.76
C GLY C 17 16.79 1.16 13.59
N ASP C 18 16.79 0.66 12.35
CA ASP C 18 16.95 1.50 11.19
C ASP C 18 15.67 2.32 10.97
N GLN C 19 15.81 3.52 10.44
CA GLN C 19 14.66 4.38 10.18
C GLN C 19 14.54 4.66 8.69
N VAL C 20 13.31 5.00 8.26
CA VAL C 20 13.06 5.27 6.86
C VAL C 20 12.16 6.51 6.79
N ARG C 21 12.45 7.45 5.90
CA ARG C 21 11.62 8.63 5.75
C ARG C 21 10.40 8.26 4.88
N LEU C 22 9.23 8.74 5.26
CA LEU C 22 8.03 8.51 4.46
C LEU C 22 7.93 9.60 3.37
N ALA C 23 8.18 9.23 2.11
CA ALA C 23 8.15 10.18 1.01
C ALA C 23 9.08 11.35 1.32
N ASP C 24 8.59 12.57 1.11
CA ASP C 24 9.33 13.80 1.33
C ASP C 24 8.79 14.53 2.56
N THR C 25 8.13 13.78 3.44
CA THR C 25 7.68 14.30 4.72
C THR C 25 8.86 14.31 5.70
N ASP C 26 8.59 14.86 6.89
N ASP C 26 8.70 14.87 6.90
CA ASP C 26 9.51 14.79 8.02
CA ASP C 26 9.69 14.65 7.99
C ASP C 26 9.29 13.55 8.89
C ASP C 26 9.16 13.61 8.99
N LEU C 27 8.40 12.62 8.51
CA LEU C 27 8.01 11.46 9.32
C LEU C 27 8.98 10.31 9.07
N TRP C 28 9.49 9.75 10.18
CA TRP C 28 10.41 8.62 10.16
C TRP C 28 9.79 7.42 10.88
N ILE C 29 9.82 6.26 10.21
CA ILE C 29 9.40 5.01 10.84
C ILE C 29 10.64 4.18 11.12
N GLU C 30 10.60 3.51 12.28
CA GLU C 30 11.73 2.68 12.75
C GLU C 30 11.29 1.22 12.79
N VAL C 31 12.13 0.31 12.28
CA VAL C 31 11.92 -1.11 12.37
C VAL C 31 11.95 -1.55 13.84
N GLU C 32 10.81 -2.08 14.34
CA GLU C 32 10.68 -2.44 15.76
C GLU C 32 11.28 -3.82 16.05
N LYS C 33 11.16 -4.73 15.10
CA LYS C 33 11.63 -6.11 15.22
C LYS C 33 11.73 -6.71 13.81
N ASP C 34 12.45 -7.82 13.74
CA ASP C 34 12.73 -8.48 12.46
C ASP C 34 12.68 -9.98 12.69
N TYR C 35 11.92 -10.67 11.81
CA TYR C 35 11.63 -12.09 11.96
C TYR C 35 12.72 -12.92 11.29
N THR C 36 13.73 -12.30 10.65
CA THR C 36 14.68 -13.05 9.84
C THR C 36 15.67 -13.79 10.75
N THR C 37 16.46 -14.64 10.12
CA THR C 37 17.68 -15.20 10.70
C THR C 37 18.84 -14.68 9.84
N TYR C 38 19.72 -13.86 10.42
CA TYR C 38 20.74 -13.17 9.65
C TYR C 38 21.66 -14.18 8.95
N GLY C 39 21.73 -14.09 7.61
CA GLY C 39 22.48 -15.04 6.81
C GLY C 39 21.58 -16.00 6.01
N ASP C 40 20.33 -16.16 6.45
CA ASP C 40 19.34 -17.01 5.78
C ASP C 40 18.17 -16.18 5.25
N GLU C 41 18.40 -14.88 5.00
CA GLU C 41 17.40 -14.05 4.34
C GLU C 41 16.94 -14.69 3.04
N ALA C 42 15.63 -14.64 2.76
CA ALA C 42 15.14 -15.12 1.48
C ALA C 42 15.35 -14.05 0.41
N ASN C 43 15.65 -14.47 -0.83
CA ASN C 43 15.75 -13.57 -1.98
C ASN C 43 15.67 -14.44 -3.21
N PHE C 44 15.33 -13.83 -4.35
CA PHE C 44 15.06 -14.54 -5.58
C PHE C 44 15.85 -13.93 -6.72
N GLY C 45 16.44 -14.79 -7.57
CA GLY C 45 17.11 -14.42 -8.80
C GLY C 45 18.27 -15.38 -9.08
N GLY C 46 19.15 -14.99 -10.03
CA GLY C 46 20.27 -15.81 -10.45
C GLY C 46 21.27 -15.95 -9.32
N GLY C 47 21.62 -17.19 -8.99
CA GLY C 47 22.49 -17.54 -7.88
C GLY C 47 21.99 -17.11 -6.50
N LYS C 48 20.69 -16.80 -6.39
N LYS C 48 20.69 -16.87 -6.37
CA LYS C 48 20.12 -16.36 -5.13
CA LYS C 48 20.18 -16.42 -5.09
C LYS C 48 19.63 -17.56 -4.32
C LYS C 48 19.59 -17.60 -4.32
N VAL C 49 18.94 -17.30 -3.20
CA VAL C 49 18.68 -18.33 -2.21
C VAL C 49 17.48 -19.22 -2.57
N LEU C 50 16.41 -18.65 -3.16
CA LEU C 50 15.21 -19.43 -3.42
C LEU C 50 15.32 -20.24 -4.71
N ARG C 51 16.09 -21.30 -4.57
CA ARG C 51 16.37 -22.26 -5.61
C ARG C 51 16.26 -23.67 -5.01
N GLU C 52 15.91 -24.61 -5.89
CA GLU C 52 15.56 -25.97 -5.51
C GLU C 52 16.72 -26.65 -4.80
N GLY C 53 16.41 -27.21 -3.61
CA GLY C 53 17.38 -27.89 -2.75
C GLY C 53 18.06 -26.95 -1.79
N MET C 54 17.79 -25.65 -1.95
CA MET C 54 18.45 -24.61 -1.17
C MET C 54 17.34 -23.92 -0.38
N GLY C 55 17.06 -22.65 -0.65
CA GLY C 55 15.99 -21.94 0.05
C GLY C 55 14.58 -22.30 -0.47
N GLU C 56 14.53 -22.97 -1.64
CA GLU C 56 13.31 -23.59 -2.14
C GLU C 56 13.33 -25.09 -1.88
N ASN C 57 12.31 -25.57 -1.16
CA ASN C 57 12.10 -26.99 -0.90
C ASN C 57 11.62 -27.70 -2.15
N GLY C 58 12.25 -28.83 -2.50
CA GLY C 58 11.87 -29.58 -3.70
C GLY C 58 11.01 -30.84 -3.45
N THR C 59 10.63 -31.07 -2.17
CA THR C 59 9.97 -32.27 -1.71
C THR C 59 8.44 -32.11 -1.63
N TYR C 60 7.97 -31.02 -1.02
CA TYR C 60 6.59 -30.91 -0.57
C TYR C 60 5.65 -30.44 -1.68
N THR C 61 4.48 -31.10 -1.70
CA THR C 61 3.37 -30.69 -2.54
C THR C 61 2.77 -29.43 -1.98
N ARG C 62 1.90 -28.79 -2.78
CA ARG C 62 1.37 -27.49 -2.34
C ARG C 62 0.67 -27.58 -0.99
N THR C 63 -0.05 -28.69 -0.74
CA THR C 63 -0.88 -28.80 0.45
CA THR C 63 -0.89 -28.74 0.45
C THR C 63 -0.04 -28.86 1.73
N GLU C 64 1.21 -29.30 1.59
CA GLU C 64 2.11 -29.60 2.70
CA GLU C 64 1.98 -29.54 2.80
C GLU C 64 2.92 -28.36 3.12
N ASN C 65 2.27 -27.33 3.64
CA ASN C 65 2.92 -26.19 4.25
C ASN C 65 3.65 -25.29 3.25
N VAL C 66 3.33 -25.44 1.96
CA VAL C 66 3.95 -24.64 0.92
C VAL C 66 3.05 -23.47 0.57
N LEU C 67 3.69 -22.34 0.27
CA LEU C 67 2.99 -21.09 -0.05
C LEU C 67 2.67 -21.00 -1.53
N ASP C 68 1.61 -20.28 -1.85
CA ASP C 68 1.40 -19.85 -3.23
C ASP C 68 2.25 -18.62 -3.59
N LEU C 69 2.58 -17.77 -2.59
CA LEU C 69 3.28 -16.52 -2.83
C LEU C 69 4.03 -16.15 -1.58
N LEU C 70 5.32 -15.76 -1.74
CA LEU C 70 6.10 -15.19 -0.67
C LEU C 70 6.51 -13.79 -1.08
N LEU C 71 6.19 -12.81 -0.22
CA LEU C 71 6.74 -11.45 -0.28
C LEU C 71 7.97 -11.43 0.62
N THR C 72 9.15 -11.32 0.02
CA THR C 72 10.37 -11.37 0.81
C THR C 72 10.75 -9.99 1.39
N ASN C 73 11.19 -10.00 2.65
CA ASN C 73 11.84 -8.85 3.26
C ASN C 73 10.97 -7.59 3.26
N ALA C 74 9.70 -7.75 3.63
CA ALA C 74 8.80 -6.59 3.72
C ALA C 74 8.99 -5.77 4.99
N LEU C 75 8.94 -4.43 4.85
CA LEU C 75 8.80 -3.52 5.99
C LEU C 75 7.32 -3.23 6.09
N ILE C 76 6.70 -3.89 7.07
CA ILE C 76 5.28 -3.79 7.34
C ILE C 76 5.02 -2.55 8.18
N LEU C 77 4.02 -1.77 7.73
CA LEU C 77 3.52 -0.66 8.50
C LEU C 77 2.04 -0.90 8.69
N ASP C 78 1.64 -1.14 9.96
CA ASP C 78 0.30 -1.65 10.26
C ASP C 78 -0.06 -1.23 11.67
N TYR C 79 -1.35 -1.25 12.02
CA TYR C 79 -1.74 -0.93 13.38
C TYR C 79 -1.04 -1.87 14.36
N THR C 80 -0.71 -3.09 13.93
CA THR C 80 -0.15 -4.11 14.79
C THR C 80 1.35 -3.94 15.00
N GLY C 81 1.99 -3.04 14.25
CA GLY C 81 3.44 -2.85 14.41
C GLY C 81 4.10 -2.36 13.12
N ILE C 82 5.35 -1.94 13.26
CA ILE C 82 6.21 -1.51 12.17
C ILE C 82 7.42 -2.40 12.26
N TYR C 83 7.54 -3.37 11.35
CA TYR C 83 8.49 -4.46 11.56
C TYR C 83 8.81 -5.13 10.25
N LYS C 84 9.90 -5.91 10.26
CA LYS C 84 10.43 -6.59 9.11
C LYS C 84 10.04 -8.07 9.15
N ALA C 85 9.46 -8.56 8.05
CA ALA C 85 9.08 -9.97 7.97
C ALA C 85 8.84 -10.36 6.51
N ASP C 86 8.93 -11.65 6.26
CA ASP C 86 8.39 -12.25 5.05
C ASP C 86 6.89 -12.44 5.22
N ILE C 87 6.12 -12.30 4.14
CA ILE C 87 4.66 -12.47 4.20
C ILE C 87 4.27 -13.61 3.26
N GLY C 88 3.58 -14.62 3.81
CA GLY C 88 3.18 -15.80 3.02
C GLY C 88 1.70 -15.79 2.73
N VAL C 89 1.34 -16.05 1.49
CA VAL C 89 -0.02 -16.02 1.04
C VAL C 89 -0.35 -17.39 0.46
N LYS C 90 -1.58 -17.85 0.70
CA LYS C 90 -2.09 -19.10 0.15
C LYS C 90 -3.61 -19.04 0.06
N ASP C 91 -4.15 -19.54 -1.03
CA ASP C 91 -5.59 -19.49 -1.31
C ASP C 91 -6.11 -18.06 -1.20
N GLY C 92 -5.27 -17.07 -1.55
CA GLY C 92 -5.70 -15.68 -1.59
C GLY C 92 -5.72 -14.98 -0.26
N TYR C 93 -5.20 -15.64 0.78
CA TYR C 93 -5.24 -15.15 2.16
C TYR C 93 -3.80 -15.09 2.67
N ILE C 94 -3.61 -14.21 3.64
CA ILE C 94 -2.36 -14.18 4.38
C ILE C 94 -2.36 -15.34 5.36
N VAL C 95 -1.41 -16.26 5.22
CA VAL C 95 -1.39 -17.44 6.07
C VAL C 95 -0.21 -17.40 7.03
N GLY C 96 0.82 -16.63 6.75
CA GLY C 96 1.97 -16.57 7.62
C GLY C 96 2.69 -15.25 7.50
N ILE C 97 3.12 -14.71 8.66
CA ILE C 97 3.99 -13.55 8.70
C ILE C 97 5.16 -14.00 9.56
N GLY C 98 6.35 -14.01 8.98
CA GLY C 98 7.49 -14.55 9.70
C GLY C 98 8.70 -14.69 8.79
N LYS C 99 9.12 -15.93 8.57
CA LYS C 99 10.34 -16.20 7.84
C LYS C 99 10.08 -17.37 6.92
N GLY C 100 10.24 -17.11 5.62
CA GLY C 100 9.97 -18.10 4.61
C GLY C 100 11.24 -18.74 4.09
N GLY C 101 11.11 -19.91 3.51
CA GLY C 101 12.28 -20.60 2.98
C GLY C 101 12.12 -22.10 3.06
N ASN C 102 13.22 -22.77 3.43
CA ASN C 102 13.31 -24.21 3.34
C ASN C 102 13.83 -24.75 4.66
N PRO C 103 12.99 -25.46 5.45
CA PRO C 103 13.44 -25.99 6.73
C PRO C 103 14.52 -27.06 6.60
N ASP C 104 14.71 -27.61 5.39
CA ASP C 104 15.78 -28.56 5.12
C ASP C 104 17.12 -27.99 5.64
N ILE C 105 17.39 -26.71 5.32
CA ILE C 105 18.73 -26.14 5.45
C ILE C 105 18.77 -24.80 6.17
N MET C 106 17.62 -24.17 6.43
CA MET C 106 17.58 -22.86 7.05
C MET C 106 17.08 -22.94 8.47
N ASP C 107 17.63 -22.07 9.32
CA ASP C 107 17.10 -21.91 10.65
C ASP C 107 15.92 -20.92 10.62
N GLY C 108 15.01 -21.10 11.56
CA GLY C 108 13.99 -20.13 11.91
C GLY C 108 12.85 -20.04 10.89
N VAL C 109 12.63 -21.06 10.05
CA VAL C 109 11.58 -20.98 9.06
C VAL C 109 10.22 -21.18 9.76
N THR C 110 9.31 -20.24 9.56
CA THR C 110 7.94 -20.38 10.01
C THR C 110 7.33 -21.61 9.34
N PRO C 111 6.74 -22.56 10.11
CA PRO C 111 6.46 -23.90 9.59
C PRO C 111 5.50 -24.00 8.40
N ASN C 112 4.58 -23.03 8.27
CA ASN C 112 3.71 -23.01 7.08
C ASN C 112 4.16 -21.98 6.04
N MET C 113 5.44 -21.59 6.04
CA MET C 113 5.95 -20.65 5.05
C MET C 113 7.07 -21.28 4.24
N ILE C 114 6.83 -22.52 3.79
CA ILE C 114 7.78 -23.17 2.90
C ILE C 114 7.60 -22.62 1.50
N VAL C 115 8.76 -22.28 0.93
CA VAL C 115 8.87 -21.99 -0.49
C VAL C 115 9.07 -23.31 -1.19
N GLY C 116 8.12 -23.65 -2.08
CA GLY C 116 8.16 -24.92 -2.77
C GLY C 116 7.96 -24.71 -4.27
N THR C 117 7.71 -25.81 -4.96
CA THR C 117 7.48 -25.75 -6.38
C THR C 117 6.32 -24.81 -6.70
N ALA C 118 5.31 -24.80 -5.82
CA ALA C 118 4.09 -24.02 -6.06
C ALA C 118 4.21 -22.51 -5.80
N THR C 119 5.36 -22.04 -5.33
CA THR C 119 5.47 -20.70 -4.76
C THR C 119 6.00 -19.66 -5.76
N GLU C 120 5.19 -18.60 -5.94
CA GLU C 120 5.58 -17.35 -6.60
C GLU C 120 6.34 -16.46 -5.62
N VAL C 121 7.21 -15.59 -6.15
CA VAL C 121 7.98 -14.66 -5.30
C VAL C 121 7.79 -13.23 -5.75
N ILE C 122 7.49 -12.36 -4.78
CA ILE C 122 7.56 -10.91 -4.89
C ILE C 122 8.66 -10.42 -3.94
N ALA C 123 9.62 -9.67 -4.51
CA ALA C 123 10.68 -9.09 -3.71
C ALA C 123 10.12 -7.82 -3.08
N ALA C 124 10.04 -7.78 -1.75
CA ALA C 124 9.65 -6.57 -1.06
C ALA C 124 10.82 -5.87 -0.34
N GLU C 125 12.07 -6.37 -0.46
CA GLU C 125 13.21 -5.66 0.15
C GLU C 125 13.26 -4.23 -0.37
N GLY C 126 13.29 -3.29 0.57
CA GLY C 126 13.37 -1.87 0.33
C GLY C 126 11.98 -1.27 0.08
N LYS C 127 10.92 -2.08 0.18
CA LYS C 127 9.56 -1.56 0.08
C LYS C 127 8.93 -1.49 1.46
N ILE C 128 7.97 -0.59 1.58
CA ILE C 128 7.03 -0.57 2.68
C ILE C 128 5.76 -1.26 2.21
N VAL C 129 5.26 -2.18 3.02
CA VAL C 129 4.03 -2.91 2.71
C VAL C 129 2.96 -2.54 3.73
N THR C 130 1.80 -2.13 3.23
CA THR C 130 0.63 -1.88 4.06
C THR C 130 -0.55 -2.70 3.58
N ALA C 131 -1.56 -2.79 4.46
CA ALA C 131 -2.89 -3.23 4.07
C ALA C 131 -3.43 -2.28 3.00
N GLY C 132 -4.30 -2.81 2.14
CA GLY C 132 -5.07 -1.96 1.24
C GLY C 132 -5.98 -1.03 2.02
N GLY C 133 -6.12 0.19 1.50
CA GLY C 133 -6.99 1.17 2.09
C GLY C 133 -8.47 0.81 1.94
N ILE C 134 -9.22 1.20 2.96
CA ILE C 134 -10.62 0.90 3.08
C ILE C 134 -11.34 2.24 3.07
N ASP C 135 -11.94 2.58 1.94
CA ASP C 135 -12.69 3.82 1.81
C ASP C 135 -14.17 3.55 2.01
N THR C 136 -14.74 4.18 3.03
CA THR C 136 -16.12 3.92 3.46
C THR C 136 -17.05 5.07 3.10
N HIS C 137 -16.56 6.05 2.33
CA HIS C 137 -17.44 7.12 1.87
C HIS C 137 -17.25 7.31 0.36
N VAL C 138 -17.71 6.32 -0.41
CA VAL C 138 -17.57 6.37 -1.86
C VAL C 138 -18.90 6.63 -2.52
N HIS C 139 -18.95 7.64 -3.40
CA HIS C 139 -20.07 7.81 -4.30
C HIS C 139 -19.73 7.10 -5.61
N PHE C 140 -20.55 6.13 -6.02
CA PHE C 140 -20.36 5.45 -7.31
C PHE C 140 -20.98 6.29 -8.41
N ILE C 141 -20.12 7.14 -9.03
CA ILE C 141 -20.55 8.16 -9.98
C ILE C 141 -19.97 7.92 -11.36
N ASN C 142 -18.72 7.48 -11.41
CA ASN C 142 -17.99 7.37 -12.65
C ASN C 142 -17.04 6.20 -12.48
N PRO C 143 -17.19 5.12 -13.26
CA PRO C 143 -16.32 3.95 -13.09
C PRO C 143 -14.80 4.17 -13.21
N ASP C 144 -14.38 5.25 -13.89
CA ASP C 144 -12.98 5.66 -13.98
C ASP C 144 -12.40 5.94 -12.57
N GLN C 145 -13.28 6.12 -11.58
CA GLN C 145 -12.85 6.37 -10.21
C GLN C 145 -12.15 5.17 -9.57
N VAL C 146 -12.31 3.97 -10.11
CA VAL C 146 -11.71 2.79 -9.49
C VAL C 146 -10.19 2.80 -9.64
N ASP C 147 -9.67 3.03 -10.85
CA ASP C 147 -8.23 3.08 -11.04
C ASP C 147 -7.60 4.22 -10.22
N VAL C 148 -8.32 5.33 -10.10
CA VAL C 148 -7.85 6.45 -9.32
C VAL C 148 -7.60 5.97 -7.91
N ALA C 149 -8.56 5.25 -7.34
CA ALA C 149 -8.42 4.71 -5.98
C ALA C 149 -7.27 3.72 -5.89
N LEU C 150 -7.20 2.74 -6.80
CA LEU C 150 -6.13 1.75 -6.76
C LEU C 150 -4.74 2.40 -6.80
N ALA C 151 -4.57 3.47 -7.59
CA ALA C 151 -3.28 4.09 -7.80
C ALA C 151 -2.75 4.71 -6.50
N ASN C 152 -3.67 5.06 -5.58
CA ASN C 152 -3.25 5.55 -4.24
C ASN C 152 -3.46 4.50 -3.16
N GLY C 153 -3.48 3.20 -3.51
CA GLY C 153 -3.41 2.12 -2.52
C GLY C 153 -4.72 1.77 -1.81
N ILE C 154 -5.88 2.12 -2.42
CA ILE C 154 -7.17 1.76 -1.88
C ILE C 154 -7.65 0.45 -2.50
N THR C 155 -8.15 -0.47 -1.69
CA THR C 155 -8.56 -1.78 -2.19
C THR C 155 -10.03 -2.16 -1.91
N THR C 156 -10.74 -1.37 -1.07
CA THR C 156 -12.12 -1.60 -0.74
C THR C 156 -12.87 -0.27 -0.84
N LEU C 157 -13.98 -0.27 -1.61
CA LEU C 157 -14.87 0.87 -1.70
C LEU C 157 -16.23 0.49 -1.10
N PHE C 158 -16.63 1.19 -0.03
CA PHE C 158 -17.96 1.11 0.55
C PHE C 158 -18.67 2.44 0.34
N GLY C 159 -19.91 2.35 -0.15
CA GLY C 159 -20.68 3.55 -0.41
C GLY C 159 -21.89 3.19 -1.26
N GLY C 160 -22.29 4.12 -2.13
CA GLY C 160 -23.47 3.87 -2.93
C GLY C 160 -23.51 4.78 -4.13
N GLY C 161 -24.44 4.44 -5.02
CA GLY C 161 -24.74 5.23 -6.19
C GLY C 161 -24.99 4.36 -7.40
N THR C 162 -25.59 4.98 -8.42
CA THR C 162 -25.98 4.31 -9.64
C THR C 162 -25.30 4.90 -10.87
N GLY C 163 -24.23 5.69 -10.65
CA GLY C 163 -23.64 6.52 -11.67
C GLY C 163 -24.09 7.98 -11.49
N PRO C 164 -23.99 8.84 -12.50
CA PRO C 164 -24.15 10.29 -12.32
C PRO C 164 -25.59 10.76 -12.33
N ALA C 165 -26.38 10.09 -11.49
CA ALA C 165 -27.72 10.51 -11.16
C ALA C 165 -27.59 11.49 -10.01
N GLU C 166 -28.50 12.47 -9.92
CA GLU C 166 -28.39 13.47 -8.86
C GLU C 166 -28.40 12.84 -7.47
N GLY C 167 -29.22 11.79 -7.25
CA GLY C 167 -29.27 11.18 -5.93
C GLY C 167 -27.89 10.68 -5.53
N SER C 168 -27.23 10.04 -6.48
CA SER C 168 -25.89 9.46 -6.27
C SER C 168 -24.78 10.51 -6.21
N LYS C 169 -24.94 11.59 -6.99
CA LYS C 169 -24.01 12.72 -6.98
C LYS C 169 -24.01 13.41 -5.62
N ALA C 170 -25.12 13.35 -4.89
CA ALA C 170 -25.19 13.98 -3.56
C ALA C 170 -24.93 12.99 -2.42
N THR C 171 -25.35 11.71 -2.57
CA THR C 171 -25.48 10.80 -1.44
C THR C 171 -24.87 9.45 -1.77
N THR C 172 -24.29 8.81 -0.77
CA THR C 172 -23.76 7.46 -0.94
C THR C 172 -24.88 6.42 -0.79
N VAL C 173 -25.79 6.39 -1.76
CA VAL C 173 -27.00 5.63 -1.67
C VAL C 173 -27.28 4.93 -2.99
N THR C 174 -27.51 3.60 -2.90
CA THR C 174 -28.08 2.85 -4.00
C THR C 174 -29.50 2.48 -3.58
N PRO C 175 -30.56 3.17 -4.05
CA PRO C 175 -31.85 3.01 -3.38
C PRO C 175 -32.68 1.85 -3.89
N GLY C 176 -33.21 1.06 -2.96
CA GLY C 176 -34.20 0.05 -3.24
C GLY C 176 -33.62 -1.24 -3.79
N PRO C 177 -34.45 -2.31 -3.75
CA PRO C 177 -34.01 -3.63 -4.23
C PRO C 177 -33.50 -3.65 -5.65
N TRP C 178 -34.18 -2.98 -6.58
CA TRP C 178 -33.79 -3.09 -7.99
C TRP C 178 -32.46 -2.39 -8.28
N ASN C 179 -32.27 -1.15 -7.79
CA ASN C 179 -31.01 -0.43 -8.02
C ASN C 179 -29.87 -1.17 -7.34
N ILE C 180 -30.16 -1.78 -6.19
CA ILE C 180 -29.15 -2.57 -5.49
C ILE C 180 -28.72 -3.77 -6.32
N GLU C 181 -29.72 -4.51 -6.82
CA GLU C 181 -29.43 -5.67 -7.66
C GLU C 181 -28.60 -5.27 -8.88
N LYS C 182 -29.01 -4.19 -9.55
CA LYS C 182 -28.29 -3.73 -10.73
C LYS C 182 -26.82 -3.41 -10.41
N MET C 183 -26.58 -2.73 -9.27
CA MET C 183 -25.22 -2.34 -8.93
C MET C 183 -24.40 -3.52 -8.40
N LEU C 184 -25.04 -4.57 -7.83
CA LEU C 184 -24.32 -5.79 -7.48
C LEU C 184 -23.82 -6.46 -8.76
N LYS C 185 -24.63 -6.43 -9.81
N LYS C 185 -24.61 -6.40 -9.83
CA LYS C 185 -24.22 -6.98 -11.09
CA LYS C 185 -24.22 -6.98 -11.11
C LYS C 185 -23.07 -6.19 -11.71
C LYS C 185 -23.16 -6.17 -11.85
N SER C 186 -23.22 -4.84 -11.70
CA SER C 186 -22.17 -3.95 -12.17
C SER C 186 -20.84 -4.25 -11.50
N THR C 187 -20.92 -4.46 -10.17
CA THR C 187 -19.75 -4.74 -9.35
C THR C 187 -18.91 -5.92 -9.87
N GLU C 188 -19.55 -6.91 -10.52
CA GLU C 188 -18.82 -8.04 -11.08
C GLU C 188 -17.69 -7.60 -12.00
N GLY C 189 -17.77 -6.38 -12.56
CA GLY C 189 -16.74 -5.86 -13.47
C GLY C 189 -15.81 -4.82 -12.86
N LEU C 190 -15.87 -4.57 -11.54
CA LEU C 190 -15.08 -3.51 -10.94
C LEU C 190 -13.91 -4.15 -10.21
N PRO C 191 -12.64 -3.86 -10.54
CA PRO C 191 -11.54 -4.56 -9.90
C PRO C 191 -11.10 -4.02 -8.54
N ILE C 192 -12.04 -4.06 -7.60
CA ILE C 192 -11.84 -3.58 -6.24
C ILE C 192 -12.90 -4.25 -5.38
N ASN C 193 -12.69 -4.34 -4.05
CA ASN C 193 -13.71 -4.87 -3.17
C ASN C 193 -14.79 -3.78 -3.04
N VAL C 194 -16.05 -4.19 -2.87
CA VAL C 194 -17.20 -3.29 -2.85
C VAL C 194 -18.18 -3.74 -1.77
N GLY C 195 -18.79 -2.77 -1.08
CA GLY C 195 -20.02 -2.96 -0.35
C GLY C 195 -20.97 -1.79 -0.64
N ILE C 196 -22.26 -2.08 -0.76
CA ILE C 196 -23.23 -1.08 -1.19
C ILE C 196 -24.17 -0.67 -0.05
N LEU C 197 -24.40 0.65 0.09
CA LEU C 197 -25.30 1.20 1.10
C LEU C 197 -26.64 1.51 0.48
N GLY C 198 -27.70 1.11 1.18
CA GLY C 198 -29.04 1.52 0.78
C GLY C 198 -29.43 2.84 1.39
N LYS C 199 -30.62 3.29 1.01
CA LYS C 199 -31.17 4.54 1.51
C LYS C 199 -31.70 4.34 2.94
N GLY C 200 -31.10 5.06 3.90
CA GLY C 200 -31.49 4.99 5.31
C GLY C 200 -32.62 5.99 5.64
N HIS C 201 -33.70 5.90 4.88
CA HIS C 201 -34.80 6.85 4.97
C HIS C 201 -36.13 6.12 4.85
N GLY C 202 -37.06 6.47 5.73
CA GLY C 202 -38.38 5.88 5.76
C GLY C 202 -39.00 6.03 7.13
N SER C 203 -40.34 5.88 7.21
CA SER C 203 -41.01 5.90 8.49
C SER C 203 -41.61 4.53 8.87
N SER C 204 -41.57 3.56 7.94
CA SER C 204 -41.94 2.17 8.15
C SER C 204 -40.65 1.38 7.96
N ILE C 205 -40.58 0.23 8.64
CA ILE C 205 -39.38 -0.59 8.62
C ILE C 205 -39.19 -1.26 7.26
N ALA C 206 -40.28 -1.77 6.68
CA ALA C 206 -40.19 -2.68 5.54
C ALA C 206 -39.49 -2.06 4.33
N PRO C 207 -39.80 -0.81 3.92
CA PRO C 207 -39.11 -0.19 2.78
C PRO C 207 -37.59 -0.08 2.96
N ILE C 208 -37.14 0.08 4.20
CA ILE C 208 -35.72 0.14 4.48
C ILE C 208 -35.09 -1.26 4.50
N MET C 209 -35.71 -2.18 5.27
CA MET C 209 -35.20 -3.53 5.45
C MET C 209 -35.09 -4.27 4.11
N GLU C 210 -36.02 -4.03 3.19
CA GLU C 210 -35.98 -4.81 1.97
C GLU C 210 -34.71 -4.55 1.15
N GLN C 211 -34.04 -3.42 1.41
CA GLN C 211 -32.77 -3.12 0.78
C GLN C 211 -31.70 -4.05 1.33
N ILE C 212 -31.72 -4.27 2.64
CA ILE C 212 -30.75 -5.15 3.26
C ILE C 212 -30.93 -6.57 2.71
N ASP C 213 -32.18 -7.04 2.66
CA ASP C 213 -32.46 -8.39 2.17
C ASP C 213 -32.09 -8.52 0.69
N ALA C 214 -32.08 -7.41 -0.05
CA ALA C 214 -31.71 -7.40 -1.48
C ALA C 214 -30.21 -7.47 -1.72
N GLY C 215 -29.39 -7.21 -0.71
CA GLY C 215 -27.95 -7.33 -0.84
C GLY C 215 -27.13 -6.10 -0.39
N ALA C 216 -27.78 -5.03 0.12
CA ALA C 216 -27.02 -3.96 0.71
C ALA C 216 -26.21 -4.45 1.92
N ALA C 217 -25.09 -3.76 2.13
CA ALA C 217 -24.14 -4.04 3.21
C ALA C 217 -24.25 -3.05 4.35
N GLY C 218 -25.16 -2.09 4.24
CA GLY C 218 -25.28 -1.05 5.22
C GLY C 218 -26.27 -0.02 4.71
N LEU C 219 -26.42 1.07 5.46
CA LEU C 219 -27.29 2.15 5.07
C LEU C 219 -26.59 3.51 5.19
N ILE C 221 -27.86 7.47 5.98
CA ILE C 221 -28.82 8.57 6.28
C ILE C 221 -28.18 9.87 5.78
N HIS C 222 -28.88 10.60 4.90
CA HIS C 222 -28.38 11.81 4.33
C HIS C 222 -29.47 12.87 4.38
N GLU C 223 -29.05 14.08 4.77
CA GLU C 223 -30.00 15.19 4.84
C GLU C 223 -30.74 15.43 3.53
N ASP C 224 -30.13 15.12 2.40
CA ASP C 224 -30.82 15.40 1.15
C ASP C 224 -32.02 14.49 0.93
N TRP C 225 -32.13 13.39 1.69
CA TRP C 225 -33.30 12.54 1.67
C TRP C 225 -34.19 12.76 2.91
N GLY C 226 -33.79 13.67 3.77
CA GLY C 226 -34.50 13.95 5.03
C GLY C 226 -33.86 13.21 6.20
N ALA C 227 -32.84 13.81 6.80
CA ALA C 227 -32.19 13.22 7.97
C ALA C 227 -32.97 13.56 9.24
N THR C 228 -34.22 13.11 9.25
CA THR C 228 -35.19 13.38 10.31
C THR C 228 -35.04 12.40 11.44
N PRO C 229 -35.59 12.73 12.65
CA PRO C 229 -35.63 11.78 13.75
C PRO C 229 -36.20 10.41 13.36
N ALA C 230 -37.23 10.39 12.51
CA ALA C 230 -37.84 9.13 12.12
C ALA C 230 -36.88 8.31 11.25
N SER C 231 -36.27 8.93 10.23
CA SER C 231 -35.40 8.19 9.33
C SER C 231 -34.19 7.65 10.10
N ILE C 232 -33.70 8.45 11.04
CA ILE C 232 -32.58 8.01 11.85
C ILE C 232 -32.97 6.77 12.65
N ASP C 233 -34.09 6.88 13.34
CA ASP C 233 -34.59 5.81 14.21
C ASP C 233 -34.87 4.51 13.44
N ARG C 234 -35.60 4.58 12.33
CA ARG C 234 -35.95 3.37 11.63
C ARG C 234 -34.67 2.71 11.08
N SER C 235 -33.73 3.52 10.57
CA SER C 235 -32.49 2.98 10.00
C SER C 235 -31.69 2.22 11.06
N LEU C 236 -31.60 2.79 12.26
CA LEU C 236 -30.87 2.13 13.32
C LEU C 236 -31.60 0.89 13.87
N THR C 237 -32.94 0.86 13.86
CA THR C 237 -33.70 -0.32 14.21
C THR C 237 -33.41 -1.45 13.19
N VAL C 238 -33.36 -1.06 11.91
CA VAL C 238 -33.03 -2.01 10.85
C VAL C 238 -31.63 -2.57 11.08
N ALA C 239 -30.68 -1.66 11.32
CA ALA C 239 -29.27 -2.03 11.46
C ALA C 239 -29.04 -2.98 12.63
N ASP C 240 -29.70 -2.69 13.74
CA ASP C 240 -29.61 -3.52 14.92
C ASP C 240 -30.16 -4.94 14.66
N GLU C 241 -31.19 -5.11 13.82
CA GLU C 241 -31.71 -6.41 13.47
C GLU C 241 -30.78 -7.12 12.48
N ALA C 242 -30.26 -6.37 11.50
CA ALA C 242 -29.58 -6.95 10.34
C ALA C 242 -28.08 -7.09 10.55
N ASP C 243 -27.53 -6.50 11.60
CA ASP C 243 -26.10 -6.46 11.85
C ASP C 243 -25.31 -5.82 10.69
N VAL C 244 -25.71 -4.61 10.30
CA VAL C 244 -24.96 -3.79 9.35
C VAL C 244 -24.76 -2.41 9.94
N GLN C 245 -23.84 -1.65 9.32
CA GLN C 245 -23.55 -0.29 9.80
C GLN C 245 -24.43 0.73 9.09
N VAL C 246 -24.70 1.78 9.86
CA VAL C 246 -25.37 2.98 9.40
C VAL C 246 -24.37 4.15 9.42
N ALA C 247 -24.29 4.85 8.29
CA ALA C 247 -23.54 6.10 8.18
C ALA C 247 -24.54 7.26 8.18
N ILE C 248 -24.13 8.40 8.76
CA ILE C 248 -24.98 9.58 8.77
C ILE C 248 -24.25 10.85 8.31
N HIS C 249 -24.99 11.61 7.48
CA HIS C 249 -24.77 12.99 7.12
C HIS C 249 -26.00 13.71 7.66
N SER C 250 -25.82 14.40 8.80
CA SER C 250 -26.94 14.92 9.55
C SER C 250 -27.56 16.18 8.94
N ASP C 251 -28.57 16.72 9.64
CA ASP C 251 -29.38 17.85 9.21
C ASP C 251 -28.61 19.16 9.46
N THR C 252 -27.82 19.58 8.47
CA THR C 252 -27.05 20.82 8.48
C THR C 252 -27.94 22.01 8.86
N LEU C 253 -29.12 22.04 8.26
CA LEU C 253 -30.07 23.13 8.41
C LEU C 253 -30.71 23.22 9.80
N ASN C 254 -30.51 22.20 10.62
CA ASN C 254 -31.13 22.08 11.93
C ASN C 254 -32.67 22.17 11.79
N GLU C 255 -33.22 21.71 10.66
CA GLU C 255 -34.61 21.92 10.35
C GLU C 255 -35.54 21.21 11.36
N ALA C 256 -35.28 19.92 11.62
CA ALA C 256 -36.15 19.14 12.51
C ALA C 256 -35.52 18.99 13.89
N GLY C 257 -34.29 19.48 14.06
CA GLY C 257 -33.63 19.38 15.34
C GLY C 257 -32.21 19.89 15.25
N PHE C 258 -31.60 20.09 16.43
CA PHE C 258 -30.20 20.41 16.55
C PHE C 258 -29.44 19.12 16.84
N LEU C 259 -28.11 19.22 16.98
CA LEU C 259 -27.33 18.03 17.19
C LEU C 259 -27.91 17.16 18.30
N GLU C 260 -28.29 17.76 19.45
CA GLU C 260 -28.77 16.98 20.59
C GLU C 260 -30.01 16.17 20.22
N ASP C 261 -30.86 16.66 19.28
CA ASP C 261 -32.01 15.96 18.78
C ASP C 261 -31.60 14.73 17.96
N THR C 262 -30.59 14.89 17.09
CA THR C 262 -30.04 13.76 16.36
C THR C 262 -29.48 12.70 17.33
N LEU C 263 -28.70 13.13 18.32
CA LEU C 263 -28.18 12.17 19.30
C LEU C 263 -29.30 11.46 20.08
N ARG C 264 -30.39 12.16 20.41
CA ARG C 264 -31.50 11.53 21.11
C ARG C 264 -32.19 10.49 20.23
N ALA C 265 -32.33 10.77 18.92
CA ALA C 265 -32.86 9.78 17.99
C ALA C 265 -31.97 8.54 17.90
N ILE C 266 -30.67 8.77 17.88
CA ILE C 266 -29.71 7.68 17.87
C ILE C 266 -29.84 6.81 19.12
N ASN C 267 -29.99 7.47 20.25
CA ASN C 267 -30.37 6.79 21.49
C ASN C 267 -29.31 5.77 21.91
N GLY C 268 -28.04 6.12 21.75
CA GLY C 268 -26.96 5.28 22.27
C GLY C 268 -26.53 4.18 21.29
N ARG C 269 -27.24 4.04 20.16
CA ARG C 269 -26.93 3.00 19.19
C ARG C 269 -25.69 3.38 18.40
N VAL C 270 -25.03 2.36 17.83
N VAL C 270 -24.97 2.40 17.85
CA VAL C 270 -23.80 2.56 17.09
CA VAL C 270 -23.71 2.74 17.20
C VAL C 270 -24.12 3.26 15.76
C VAL C 270 -24.00 3.18 15.76
N ILE C 271 -23.29 4.24 15.38
CA ILE C 271 -23.44 4.91 14.09
C ILE C 271 -22.08 5.44 13.62
N HIS C 272 -21.89 5.44 12.31
CA HIS C 272 -20.68 6.00 11.71
C HIS C 272 -21.00 7.43 11.25
N SER C 273 -20.37 8.41 11.88
CA SER C 273 -20.59 9.83 11.55
C SER C 273 -19.59 10.26 10.47
N PHE C 274 -20.12 10.45 9.26
CA PHE C 274 -19.34 10.86 8.11
C PHE C 274 -18.92 12.34 8.24
N HIS C 275 -17.82 12.70 7.54
CA HIS C 275 -17.28 14.08 7.50
C HIS C 275 -17.63 14.84 8.79
N VAL C 276 -17.10 14.34 9.91
CA VAL C 276 -17.62 14.76 11.21
C VAL C 276 -17.31 16.24 11.50
N GLU C 277 -16.27 16.79 10.85
CA GLU C 277 -15.92 18.21 10.96
C GLU C 277 -17.09 19.08 10.47
N GLY C 278 -17.77 18.65 9.39
CA GLY C 278 -19.02 19.29 8.99
C GLY C 278 -18.99 20.09 7.68
N ALA C 279 -17.81 20.42 7.13
CA ALA C 279 -17.76 21.09 5.85
C ALA C 279 -18.45 20.21 4.83
N GLY C 280 -18.23 18.88 4.95
CA GLY C 280 -18.87 17.93 4.04
C GLY C 280 -20.37 17.72 4.32
N GLY C 281 -20.84 18.25 5.47
CA GLY C 281 -22.24 18.19 5.82
C GLY C 281 -22.46 17.93 7.32
N GLY C 282 -23.50 18.55 7.88
CA GLY C 282 -23.95 18.19 9.22
C GLY C 282 -24.38 19.42 10.01
N HIS C 283 -25.16 19.19 11.08
CA HIS C 283 -25.64 20.24 11.97
C HIS C 283 -24.64 21.41 12.07
N ALA C 284 -25.06 22.59 11.61
CA ALA C 284 -24.23 23.79 11.69
C ALA C 284 -24.41 24.45 13.05
N PRO C 285 -23.34 24.79 13.80
CA PRO C 285 -21.93 24.59 13.43
C PRO C 285 -21.18 23.47 14.16
N ASP C 286 -21.95 22.70 14.92
CA ASP C 286 -21.41 21.92 16.02
C ASP C 286 -21.38 20.40 15.79
N ILE C 287 -21.62 19.92 14.57
CA ILE C 287 -21.67 18.48 14.31
C ILE C 287 -20.42 17.78 14.84
N MET C 288 -19.26 18.44 14.82
CA MET C 288 -18.01 17.76 15.12
C MET C 288 -17.99 17.28 16.58
N ALA C 289 -18.92 17.81 17.41
CA ALA C 289 -19.07 17.31 18.78
C ALA C 289 -19.47 15.83 18.85
N MET C 290 -20.01 15.29 17.75
CA MET C 290 -20.30 13.86 17.64
CA MET C 290 -20.32 13.86 17.70
C MET C 290 -19.08 13.02 18.00
N ALA C 291 -17.88 13.51 17.66
CA ALA C 291 -16.66 12.72 17.75
C ALA C 291 -16.24 12.46 19.19
N GLY C 292 -16.93 13.08 20.13
CA GLY C 292 -16.58 12.83 21.53
C GLY C 292 -17.35 11.68 22.17
N HIS C 293 -18.41 11.18 21.49
CA HIS C 293 -19.35 10.21 22.07
C HIS C 293 -18.91 8.76 21.88
N PRO C 294 -19.21 7.89 22.87
CA PRO C 294 -18.70 6.51 22.84
C PRO C 294 -19.37 5.59 21.82
N ASN C 295 -20.58 5.94 21.38
CA ASN C 295 -21.30 5.17 20.38
C ASN C 295 -21.09 5.68 18.93
N VAL C 296 -20.23 6.69 18.75
CA VAL C 296 -19.99 7.27 17.44
C VAL C 296 -18.64 6.79 16.89
N LEU C 297 -18.66 6.30 15.64
CA LEU C 297 -17.44 5.97 14.91
C LEU C 297 -17.22 7.11 13.93
N PRO C 298 -16.31 8.06 14.23
CA PRO C 298 -16.22 9.30 13.45
C PRO C 298 -15.15 9.26 12.37
N SER C 299 -15.55 9.63 11.15
CA SER C 299 -14.59 9.79 10.08
C SER C 299 -14.57 11.23 9.55
N SER C 300 -13.43 11.58 8.97
CA SER C 300 -13.29 12.77 8.15
C SER C 300 -13.38 12.34 6.69
N THR C 301 -13.88 13.24 5.85
CA THR C 301 -13.59 13.17 4.42
C THR C 301 -12.35 13.99 4.09
N ASN C 302 -11.84 13.91 2.84
CA ASN C 302 -10.47 14.35 2.62
C ASN C 302 -10.26 15.81 2.19
N PRO C 303 -11.18 16.62 1.63
CA PRO C 303 -10.75 17.93 1.14
C PRO C 303 -10.38 18.95 2.22
N THR C 304 -10.80 18.72 3.48
CA THR C 304 -10.38 19.58 4.57
C THR C 304 -9.05 19.12 5.13
N ARG C 305 -8.49 18.03 4.57
CA ARG C 305 -7.33 17.41 5.19
C ARG C 305 -6.06 17.70 4.35
N PRO C 306 -5.04 18.35 4.95
CA PRO C 306 -5.13 19.09 6.23
C PRO C 306 -5.46 20.55 5.92
N PHE C 307 -5.43 21.40 6.97
CA PHE C 307 -5.87 22.77 6.82
C PHE C 307 -4.78 23.60 6.13
N THR C 308 -5.06 24.11 4.90
CA THR C 308 -4.06 24.85 4.14
C THR C 308 -4.59 26.24 3.78
N VAL C 309 -3.69 27.09 3.27
CA VAL C 309 -4.06 28.47 2.93
C VAL C 309 -5.10 28.56 1.83
N ASN C 310 -5.21 27.55 0.91
CA ASN C 310 -6.25 27.59 -0.10
C ASN C 310 -7.56 26.92 0.33
N THR C 311 -7.60 26.23 1.50
CA THR C 311 -8.74 25.39 1.89
C THR C 311 -10.05 26.19 1.90
N ILE C 312 -10.07 27.31 2.63
CA ILE C 312 -11.32 28.03 2.87
C ILE C 312 -11.85 28.64 1.57
N ASP C 313 -11.00 29.31 0.81
CA ASP C 313 -11.41 29.93 -0.43
C ASP C 313 -11.97 28.87 -1.37
N GLU C 314 -11.30 27.71 -1.41
CA GLU C 314 -11.70 26.63 -2.27
C GLU C 314 -13.08 26.10 -1.86
N HIS C 315 -13.27 25.84 -0.55
CA HIS C 315 -14.50 25.21 -0.06
C HIS C 315 -15.69 26.19 -0.14
N LEU C 316 -15.47 27.49 0.20
CA LEU C 316 -16.60 28.42 0.17
C LEU C 316 -17.14 28.49 -1.25
N ASP C 317 -16.23 28.61 -2.21
CA ASP C 317 -16.67 28.74 -3.59
C ASP C 317 -17.33 27.44 -4.05
N MET C 318 -16.70 26.29 -3.74
CA MET C 318 -17.22 24.99 -4.15
C MET C 318 -18.67 24.81 -3.65
N LEU C 319 -18.89 25.16 -2.37
CA LEU C 319 -20.21 24.99 -1.76
C LEU C 319 -21.24 25.84 -2.49
N MET C 320 -20.90 27.10 -2.77
N MET C 320 -20.86 27.07 -2.86
CA MET C 320 -21.82 28.04 -3.41
CA MET C 320 -21.82 28.05 -3.36
C MET C 320 -22.19 27.52 -4.79
C MET C 320 -22.12 27.82 -4.85
N VAL C 321 -21.18 27.23 -5.60
CA VAL C 321 -21.47 26.88 -6.99
C VAL C 321 -22.22 25.53 -7.06
N CYS C 322 -21.80 24.54 -6.28
CA CYS C 322 -22.47 23.25 -6.33
C CYS C 322 -23.91 23.27 -5.81
N HIS C 323 -24.25 24.19 -4.89
CA HIS C 323 -25.62 24.30 -4.41
C HIS C 323 -26.40 25.39 -5.14
N HIS C 324 -25.84 25.91 -6.25
CA HIS C 324 -26.50 26.98 -7.00
C HIS C 324 -26.82 28.16 -6.08
N LEU C 325 -25.91 28.46 -5.16
CA LEU C 325 -26.13 29.56 -4.24
C LEU C 325 -25.64 30.87 -4.84
N LYS C 326 -26.32 31.97 -4.55
CA LYS C 326 -25.96 33.24 -5.12
C LYS C 326 -25.27 34.09 -4.05
N GLN C 327 -24.19 34.74 -4.50
CA GLN C 327 -23.33 35.59 -3.70
C GLN C 327 -24.07 36.85 -3.22
N ASN C 328 -25.18 37.19 -3.88
CA ASN C 328 -25.95 38.39 -3.55
C ASN C 328 -27.26 38.07 -2.79
N ILE C 329 -27.45 36.81 -2.37
N ILE C 329 -27.47 36.79 -2.43
CA ILE C 329 -28.58 36.42 -1.56
CA ILE C 329 -28.58 36.40 -1.56
C ILE C 329 -28.08 36.16 -0.13
C ILE C 329 -28.00 36.23 -0.15
N PRO C 330 -28.42 37.06 0.83
CA PRO C 330 -27.82 36.99 2.16
C PRO C 330 -28.04 35.66 2.87
N GLU C 331 -29.18 34.97 2.64
CA GLU C 331 -29.43 33.67 3.28
C GLU C 331 -28.41 32.63 2.78
N ASP C 332 -28.09 32.70 1.48
CA ASP C 332 -27.13 31.80 0.86
C ASP C 332 -25.73 32.01 1.44
N VAL C 333 -25.33 33.29 1.57
CA VAL C 333 -24.05 33.63 2.16
C VAL C 333 -24.00 33.17 3.62
N ALA C 334 -25.06 33.45 4.40
CA ALA C 334 -25.12 33.05 5.81
C ALA C 334 -24.97 31.53 5.93
N PHE C 335 -25.65 30.79 5.05
CA PHE C 335 -25.59 29.33 5.09
C PHE C 335 -24.15 28.89 4.86
N ALA C 336 -23.52 29.47 3.82
CA ALA C 336 -22.16 29.04 3.47
C ALA C 336 -21.21 29.32 4.62
N ASP C 337 -21.36 30.50 5.23
CA ASP C 337 -20.51 30.95 6.31
C ASP C 337 -20.70 30.09 7.57
N SER C 338 -21.92 29.56 7.77
CA SER C 338 -22.20 28.69 8.90
C SER C 338 -21.62 27.29 8.71
N ARG C 339 -21.36 26.91 7.44
CA ARG C 339 -20.94 25.54 7.12
C ARG C 339 -19.43 25.38 6.90
N ILE C 340 -18.77 26.38 6.28
CA ILE C 340 -17.34 26.34 6.00
C ILE C 340 -16.64 27.23 7.02
N ARG C 341 -15.91 26.63 7.98
CA ARG C 341 -15.45 27.31 9.17
C ARG C 341 -14.00 26.99 9.43
N PRO C 342 -13.09 28.00 9.39
CA PRO C 342 -11.66 27.76 9.68
C PRO C 342 -11.49 27.20 11.09
N GLU C 343 -12.41 27.58 12.00
CA GLU C 343 -12.24 27.18 13.39
C GLU C 343 -12.35 25.66 13.54
N THR C 344 -13.28 25.02 12.83
CA THR C 344 -13.55 23.59 13.00
C THR C 344 -12.57 22.79 12.11
N ILE C 345 -12.21 23.34 10.95
CA ILE C 345 -11.25 22.68 10.08
C ILE C 345 -9.88 22.62 10.77
N ALA C 346 -9.44 23.72 11.39
CA ALA C 346 -8.17 23.74 12.10
C ALA C 346 -8.19 22.71 13.24
N ALA C 347 -9.31 22.68 13.99
CA ALA C 347 -9.45 21.77 15.12
C ALA C 347 -9.48 20.31 14.66
N GLU C 348 -10.02 20.06 13.46
CA GLU C 348 -10.06 18.71 12.90
C GLU C 348 -8.64 18.15 12.76
N ASP C 349 -7.66 18.97 12.35
CA ASP C 349 -6.28 18.49 12.27
C ASP C 349 -5.84 17.91 13.63
N ILE C 350 -6.04 18.71 14.67
CA ILE C 350 -5.62 18.35 16.02
C ILE C 350 -6.43 17.16 16.57
N LEU C 351 -7.75 17.09 16.33
CA LEU C 351 -8.54 15.94 16.72
C LEU C 351 -8.05 14.65 16.07
N HIS C 352 -7.57 14.70 14.82
CA HIS C 352 -6.94 13.52 14.25
C HIS C 352 -5.70 13.11 15.05
N ASP C 353 -4.89 14.11 15.40
CA ASP C 353 -3.61 13.85 16.02
C ASP C 353 -3.75 13.26 17.41
N LEU C 354 -4.82 13.66 18.08
CA LEU C 354 -5.17 13.23 19.43
C LEU C 354 -5.93 11.91 19.48
N GLY C 355 -6.32 11.35 18.31
CA GLY C 355 -7.03 10.10 18.30
C GLY C 355 -8.52 10.22 18.65
N ILE C 356 -9.07 11.40 18.38
CA ILE C 356 -10.46 11.67 18.63
C ILE C 356 -11.28 11.49 17.34
N ILE C 357 -10.69 11.69 16.17
CA ILE C 357 -11.35 11.27 14.94
C ILE C 357 -10.59 10.03 14.48
N SER C 358 -11.34 8.94 14.19
CA SER C 358 -10.76 7.60 14.16
C SER C 358 -10.43 7.18 12.72
N MET C 359 -11.08 7.83 11.75
CA MET C 359 -11.06 7.34 10.39
C MET C 359 -10.91 8.49 9.39
N MET C 360 -10.37 8.14 8.22
N MET C 360 -10.38 8.13 8.21
CA MET C 360 -10.40 8.97 7.03
CA MET C 360 -10.34 8.97 7.02
C MET C 360 -11.28 8.25 6.00
C MET C 360 -11.11 8.23 5.92
N SER C 361 -11.61 8.98 4.93
CA SER C 361 -12.43 8.50 3.84
C SER C 361 -12.31 9.54 2.74
N THR C 362 -12.88 9.27 1.55
CA THR C 362 -12.71 10.23 0.48
C THR C 362 -13.87 11.20 0.29
N ASP C 363 -15.10 10.69 0.19
CA ASP C 363 -16.27 11.39 -0.35
C ASP C 363 -16.13 11.54 -1.86
N ALA C 364 -15.54 10.51 -2.48
CA ALA C 364 -15.20 10.53 -3.90
C ALA C 364 -16.29 11.09 -4.81
N LEU C 365 -15.94 12.14 -5.58
CA LEU C 365 -16.72 12.78 -6.63
C LEU C 365 -17.96 13.51 -6.13
N ALA C 366 -18.14 13.57 -4.82
N ALA C 366 -18.14 13.57 -4.82
CA ALA C 366 -19.27 14.34 -4.28
CA ALA C 366 -19.27 14.34 -4.28
C ALA C 366 -18.75 15.57 -3.54
C ALA C 366 -18.75 15.57 -3.54
N MET C 367 -17.77 15.36 -2.65
CA MET C 367 -16.99 16.48 -2.13
C MET C 367 -15.69 15.90 -1.56
N GLY C 368 -14.96 15.18 -2.43
CA GLY C 368 -13.74 14.55 -1.99
C GLY C 368 -13.09 13.81 -3.13
N ARG C 369 -11.85 13.40 -2.91
CA ARG C 369 -10.98 12.96 -3.99
C ARG C 369 -10.65 11.47 -3.83
N ALA C 370 -11.08 10.72 -4.84
CA ALA C 370 -11.05 9.25 -4.82
C ALA C 370 -9.65 8.73 -4.54
N GLY C 371 -8.65 9.49 -4.99
CA GLY C 371 -7.27 8.99 -4.95
C GLY C 371 -6.37 9.70 -3.95
N GLU C 372 -6.95 10.31 -2.91
CA GLU C 372 -6.18 11.13 -1.99
C GLU C 372 -6.47 10.84 -0.52
N MET C 373 -7.14 9.71 -0.20
CA MET C 373 -7.35 9.37 1.21
C MET C 373 -6.01 9.09 1.89
N VAL C 374 -5.20 8.23 1.28
CA VAL C 374 -3.93 7.87 1.91
C VAL C 374 -2.99 9.10 1.91
N LEU C 375 -2.91 9.77 0.75
CA LEU C 375 -2.08 10.95 0.56
C LEU C 375 -2.31 11.96 1.69
N ARG C 376 -3.57 12.33 1.91
CA ARG C 376 -3.87 13.41 2.84
C ARG C 376 -3.76 12.99 4.30
N THR C 377 -3.88 11.68 4.56
CA THR C 377 -3.66 11.19 5.90
C THR C 377 -2.23 11.55 6.33
N TRP C 378 -1.25 11.24 5.48
CA TRP C 378 0.13 11.46 5.81
C TRP C 378 0.52 12.94 5.75
N GLN C 379 -0.07 13.74 4.86
CA GLN C 379 0.13 15.17 4.90
C GLN C 379 -0.35 15.73 6.24
N THR C 380 -1.49 15.23 6.76
CA THR C 380 -1.99 15.68 8.05
C THR C 380 -0.97 15.31 9.14
N ALA C 381 -0.55 14.05 9.20
CA ALA C 381 0.41 13.63 10.25
C ALA C 381 1.67 14.49 10.21
N ASP C 382 2.18 14.76 9.00
CA ASP C 382 3.36 15.59 8.82
C ASP C 382 3.15 17.01 9.32
N LYS C 383 1.99 17.60 9.03
CA LYS C 383 1.74 18.95 9.47
C LYS C 383 1.68 19.01 10.99
N MET C 384 1.00 18.03 11.58
CA MET C 384 0.90 17.93 13.03
C MET C 384 2.27 17.73 13.69
N LYS C 385 3.16 16.95 13.11
CA LYS C 385 4.50 16.84 13.69
C LYS C 385 5.20 18.20 13.65
N LYS C 386 5.12 18.90 12.54
CA LYS C 386 5.77 20.20 12.42
C LYS C 386 5.20 21.20 13.42
N GLN C 387 3.88 21.20 13.63
CA GLN C 387 3.26 22.25 14.44
C GLN C 387 3.18 21.85 15.91
N ARG C 388 2.98 20.56 16.20
CA ARG C 388 2.75 20.12 17.57
C ARG C 388 3.98 19.42 18.14
N GLY C 389 4.94 19.01 17.31
CA GLY C 389 6.09 18.26 17.77
C GLY C 389 5.86 16.75 17.74
N PRO C 390 6.93 15.94 17.95
CA PRO C 390 6.76 14.52 18.25
C PRO C 390 5.69 14.35 19.32
N LEU C 391 4.81 13.33 19.20
CA LEU C 391 3.88 13.01 20.29
C LEU C 391 4.69 12.55 21.51
N ALA C 392 4.13 12.70 22.71
CA ALA C 392 4.84 12.41 23.94
C ALA C 392 5.25 10.93 24.01
N GLU C 393 4.44 10.06 23.38
CA GLU C 393 4.58 8.60 23.49
C GLU C 393 5.72 8.10 22.58
N GLU C 394 6.27 8.96 21.70
CA GLU C 394 7.36 8.55 20.81
C GLU C 394 8.67 8.33 21.58
N LYS C 395 9.58 7.54 20.99
CA LYS C 395 10.95 7.47 21.48
C LYS C 395 11.89 7.11 20.33
N ASN C 396 13.20 7.19 20.60
CA ASN C 396 14.23 6.83 19.64
C ASN C 396 14.28 7.87 18.51
N GLY C 397 13.52 8.96 18.65
CA GLY C 397 13.45 9.93 17.58
C GLY C 397 12.56 9.47 16.44
N SER C 398 11.80 8.37 16.62
CA SER C 398 10.96 7.89 15.51
C SER C 398 9.56 8.48 15.63
N ASP C 399 8.78 8.36 14.54
CA ASP C 399 7.38 8.75 14.58
C ASP C 399 6.44 7.53 14.59
N ASN C 400 6.89 6.38 15.09
CA ASN C 400 6.15 5.13 15.07
C ASN C 400 4.75 5.24 15.67
N PHE C 401 4.61 5.97 16.79
CA PHE C 401 3.31 6.07 17.43
C PHE C 401 2.36 6.81 16.51
N ARG C 402 2.79 7.97 16.03
CA ARG C 402 1.96 8.73 15.10
C ARG C 402 1.69 7.88 13.85
N ALA C 403 2.67 7.16 13.34
CA ALA C 403 2.45 6.41 12.10
C ALA C 403 1.41 5.30 12.31
N LYS C 404 1.37 4.66 13.51
CA LYS C 404 0.39 3.62 13.74
C LYS C 404 -0.99 4.24 13.96
N ARG C 405 -1.05 5.39 14.63
CA ARG C 405 -2.30 6.11 14.80
C ARG C 405 -2.89 6.51 13.46
N TYR C 406 -2.05 6.94 12.53
CA TYR C 406 -2.56 7.46 11.26
C TYR C 406 -2.83 6.34 10.26
N VAL C 407 -2.00 5.30 10.20
CA VAL C 407 -2.28 4.21 9.26
C VAL C 407 -3.60 3.52 9.64
N SER C 408 -3.97 3.52 10.94
CA SER C 408 -5.20 2.92 11.41
C SER C 408 -6.43 3.61 10.80
N LYS C 409 -6.33 4.89 10.51
CA LYS C 409 -7.46 5.70 10.13
C LYS C 409 -7.98 5.27 8.76
N TYR C 410 -7.16 4.66 7.92
CA TYR C 410 -7.67 4.27 6.60
C TYR C 410 -7.52 2.78 6.29
N THR C 411 -7.10 1.99 7.28
CA THR C 411 -6.99 0.53 7.14
C THR C 411 -7.97 -0.16 8.08
N ILE C 412 -7.57 -0.36 9.34
CA ILE C 412 -8.30 -1.24 10.23
C ILE C 412 -9.55 -0.57 10.77
N ASN C 413 -9.52 0.75 11.02
CA ASN C 413 -10.68 1.34 11.65
C ASN C 413 -11.90 1.36 10.74
N PRO C 414 -11.82 1.78 9.46
CA PRO C 414 -12.99 1.67 8.61
C PRO C 414 -13.49 0.23 8.52
N ALA C 415 -12.59 -0.74 8.46
CA ALA C 415 -12.98 -2.13 8.38
C ALA C 415 -13.78 -2.57 9.61
N ILE C 416 -13.37 -2.15 10.79
CA ILE C 416 -14.06 -2.45 12.04
C ILE C 416 -15.44 -1.79 11.99
N ALA C 417 -15.45 -0.51 11.62
CA ALA C 417 -16.71 0.22 11.59
C ALA C 417 -17.76 -0.45 10.70
N GLN C 418 -17.30 -1.02 9.59
N GLN C 418 -17.35 -0.99 9.53
CA GLN C 418 -18.20 -1.53 8.58
CA GLN C 418 -18.33 -1.54 8.59
C GLN C 418 -18.62 -2.99 8.84
C GLN C 418 -18.56 -3.05 8.76
N GLY C 419 -17.91 -3.67 9.74
CA GLY C 419 -18.15 -5.07 10.07
C GLY C 419 -17.45 -6.02 9.12
N ILE C 420 -16.29 -5.62 8.60
CA ILE C 420 -15.59 -6.40 7.59
C ILE C 420 -14.15 -6.67 7.98
N ALA C 421 -13.75 -6.34 9.23
CA ALA C 421 -12.37 -6.50 9.66
C ALA C 421 -11.94 -7.96 9.90
N HIS C 422 -12.89 -8.92 9.88
CA HIS C 422 -12.54 -10.33 9.79
C HIS C 422 -11.89 -10.67 8.46
N GLU C 423 -12.17 -9.90 7.38
CA GLU C 423 -11.64 -10.18 6.05
C GLU C 423 -10.48 -9.25 5.66
N VAL C 424 -10.62 -7.94 5.94
CA VAL C 424 -9.72 -6.92 5.39
C VAL C 424 -9.36 -5.87 6.43
N GLY C 425 -8.42 -4.98 6.06
CA GLY C 425 -8.05 -3.83 6.87
C GLY C 425 -6.73 -3.91 7.63
N SER C 426 -6.04 -5.05 7.60
CA SER C 426 -4.78 -5.14 8.28
C SER C 426 -3.98 -6.32 7.75
N ILE C 427 -2.68 -6.24 7.96
CA ILE C 427 -1.77 -7.34 7.62
C ILE C 427 -1.66 -8.24 8.84
N GLU C 428 -2.58 -9.22 8.89
CA GLU C 428 -2.65 -10.24 9.90
C GLU C 428 -2.94 -11.59 9.25
N GLU C 429 -2.43 -12.64 9.90
CA GLU C 429 -2.71 -14.01 9.50
C GLU C 429 -4.21 -14.28 9.54
N GLY C 430 -4.71 -14.87 8.45
CA GLY C 430 -6.10 -15.24 8.34
C GLY C 430 -6.94 -14.23 7.57
N LYS C 431 -6.35 -13.07 7.17
CA LYS C 431 -7.09 -12.07 6.43
CA LYS C 431 -7.09 -12.06 6.44
C LYS C 431 -6.73 -12.13 4.95
N PHE C 432 -7.62 -11.57 4.13
CA PHE C 432 -7.49 -11.57 2.70
C PHE C 432 -6.23 -10.81 2.28
N ALA C 433 -5.55 -11.31 1.24
CA ALA C 433 -4.26 -10.78 0.85
C ALA C 433 -4.41 -9.58 -0.09
N ASP C 434 -4.97 -8.52 0.47
CA ASP C 434 -4.98 -7.18 -0.11
C ASP C 434 -3.80 -6.40 0.44
N LEU C 435 -2.76 -6.25 -0.38
CA LEU C 435 -1.48 -5.71 0.08
C LEU C 435 -1.01 -4.65 -0.91
N VAL C 436 -0.40 -3.59 -0.39
CA VAL C 436 0.13 -2.51 -1.23
C VAL C 436 1.62 -2.36 -0.95
N LEU C 437 2.43 -2.51 -2.02
CA LEU C 437 3.85 -2.23 -1.94
C LEU C 437 4.10 -0.78 -2.36
N TRP C 438 4.94 -0.10 -1.55
CA TRP C 438 5.36 1.27 -1.78
C TRP C 438 6.87 1.41 -1.79
N GLU C 439 7.42 2.07 -2.80
CA GLU C 439 8.78 2.58 -2.69
C GLU C 439 8.74 3.67 -1.64
N PRO C 440 9.65 3.72 -0.65
CA PRO C 440 9.55 4.80 0.33
C PRO C 440 9.50 6.22 -0.25
N LYS C 441 10.19 6.45 -1.38
CA LYS C 441 10.22 7.78 -1.99
C LYS C 441 8.83 8.15 -2.50
N PHE C 442 7.98 7.16 -2.76
CA PHE C 442 6.61 7.41 -3.23
C PHE C 442 5.54 7.06 -2.20
N PHE C 443 5.96 6.81 -0.94
CA PHE C 443 5.05 6.29 0.07
C PHE C 443 3.85 7.23 0.24
N GLY C 444 2.65 6.64 0.16
CA GLY C 444 1.41 7.39 0.33
C GLY C 444 1.03 8.24 -0.89
N VAL C 445 1.85 8.21 -1.95
CA VAL C 445 1.64 9.05 -3.13
C VAL C 445 1.21 8.18 -4.30
N LYS C 446 2.10 7.29 -4.73
CA LYS C 446 1.78 6.41 -5.84
C LYS C 446 2.22 4.98 -5.47
N ALA C 447 1.24 4.05 -5.47
CA ALA C 447 1.53 2.68 -5.11
C ALA C 447 2.38 2.05 -6.21
N ASP C 448 3.35 1.21 -5.82
CA ASP C 448 4.12 0.42 -6.79
C ASP C 448 3.31 -0.74 -7.37
N ARG C 449 2.82 -1.62 -6.49
CA ARG C 449 2.02 -2.79 -6.84
C ARG C 449 0.91 -2.95 -5.81
N VAL C 450 -0.31 -3.14 -6.32
CA VAL C 450 -1.46 -3.45 -5.48
C VAL C 450 -1.87 -4.91 -5.69
N ILE C 451 -1.73 -5.72 -4.64
CA ILE C 451 -2.13 -7.12 -4.61
C ILE C 451 -3.55 -7.23 -4.10
N LYS C 452 -4.38 -7.96 -4.86
CA LYS C 452 -5.77 -8.20 -4.51
C LYS C 452 -5.99 -9.71 -4.48
N GLY C 453 -6.34 -10.26 -3.30
CA GLY C 453 -6.57 -11.69 -3.19
C GLY C 453 -5.37 -12.49 -3.61
N GLY C 454 -4.15 -11.98 -3.37
CA GLY C 454 -2.93 -12.72 -3.67
C GLY C 454 -2.42 -12.61 -5.11
N ILE C 455 -3.08 -11.84 -5.97
CA ILE C 455 -2.61 -11.58 -7.33
C ILE C 455 -2.51 -10.07 -7.54
N ILE C 456 -1.44 -9.64 -8.22
CA ILE C 456 -1.29 -8.22 -8.54
C ILE C 456 -2.46 -7.79 -9.44
N ALA C 457 -3.17 -6.75 -8.98
CA ALA C 457 -4.26 -6.14 -9.75
C ALA C 457 -3.86 -4.84 -10.46
N TYR C 458 -2.90 -4.11 -9.92
CA TYR C 458 -2.57 -2.78 -10.39
C TYR C 458 -1.10 -2.54 -10.12
N ALA C 459 -0.42 -1.92 -11.08
CA ALA C 459 1.02 -1.68 -10.93
C ALA C 459 1.44 -0.44 -11.72
N GLN C 460 2.43 0.26 -11.18
CA GLN C 460 3.20 1.28 -11.89
C GLN C 460 4.26 0.57 -12.72
N ILE C 461 4.07 0.52 -14.02
CA ILE C 461 4.94 -0.27 -14.87
C ILE C 461 5.00 0.40 -16.25
N GLY C 462 6.05 0.06 -16.98
CA GLY C 462 6.40 0.76 -18.19
C GLY C 462 5.98 0.05 -19.49
N ASP C 463 6.72 0.41 -20.52
CA ASP C 463 6.40 0.15 -21.90
C ASP C 463 6.13 -1.34 -22.09
N PRO C 464 4.93 -1.75 -22.53
CA PRO C 464 4.62 -3.16 -22.73
C PRO C 464 5.33 -3.82 -23.91
N SER C 465 5.89 -2.97 -24.79
CA SER C 465 6.60 -3.43 -25.95
C SER C 465 8.09 -3.58 -25.70
N ALA C 466 8.56 -3.24 -24.49
CA ALA C 466 9.99 -3.18 -24.23
C ALA C 466 10.59 -4.55 -23.87
N SER C 467 11.94 -4.61 -23.83
CA SER C 467 12.66 -5.81 -23.49
C SER C 467 12.52 -6.14 -22.01
N ILE C 468 12.21 -5.12 -21.22
CA ILE C 468 12.08 -5.20 -19.78
C ILE C 468 10.94 -4.25 -19.40
N PRO C 469 10.38 -4.33 -18.19
CA PRO C 469 9.15 -3.60 -17.86
C PRO C 469 9.25 -2.18 -17.36
N THR C 470 10.48 -1.74 -17.12
CA THR C 470 10.80 -0.46 -16.50
C THR C 470 10.99 0.71 -17.49
N PRO C 471 11.22 0.53 -18.81
CA PRO C 471 11.33 1.68 -19.69
C PRO C 471 10.05 2.51 -19.76
N GLN C 472 10.21 3.79 -20.11
CA GLN C 472 9.09 4.73 -20.12
C GLN C 472 8.11 4.42 -21.24
N PRO C 473 6.82 4.81 -21.08
CA PRO C 473 6.33 5.50 -19.90
C PRO C 473 5.81 4.61 -18.77
N VAL C 474 6.32 4.84 -17.55
CA VAL C 474 5.86 4.18 -16.35
C VAL C 474 4.60 4.88 -15.86
N MET C 475 3.52 4.11 -15.81
CA MET C 475 2.22 4.64 -15.42
CA MET C 475 2.20 4.61 -15.50
C MET C 475 1.41 3.54 -14.73
N GLY C 476 0.36 3.93 -14.03
CA GLY C 476 -0.57 3.01 -13.43
C GLY C 476 -1.36 2.22 -14.46
N ARG C 477 -1.33 0.87 -14.31
CA ARG C 477 -1.98 -0.02 -15.23
C ARG C 477 -2.62 -1.20 -14.49
N ARG C 478 -3.79 -1.62 -14.98
CA ARG C 478 -4.45 -2.86 -14.53
C ARG C 478 -3.66 -4.10 -14.96
N MET C 479 -3.47 -5.03 -14.01
CA MET C 479 -2.67 -6.22 -14.26
C MET C 479 -3.61 -7.45 -14.38
N TYR C 480 -3.04 -8.65 -14.41
CA TYR C 480 -3.80 -9.85 -14.72
C TYR C 480 -4.90 -10.18 -13.72
N GLY C 481 -4.78 -9.75 -12.44
CA GLY C 481 -5.83 -9.98 -11.48
C GLY C 481 -7.17 -9.36 -11.87
N THR C 482 -7.14 -8.41 -12.83
CA THR C 482 -8.35 -7.71 -13.25
C THR C 482 -8.95 -8.34 -14.49
N VAL C 483 -8.22 -9.27 -15.10
CA VAL C 483 -8.58 -9.72 -16.43
C VAL C 483 -9.42 -11.00 -16.38
N GLY C 484 -10.36 -11.12 -17.31
CA GLY C 484 -11.17 -12.32 -17.46
C GLY C 484 -11.92 -12.69 -16.18
N ASP C 485 -11.88 -13.98 -15.84
CA ASP C 485 -12.63 -14.47 -14.69
C ASP C 485 -11.83 -14.27 -13.41
N LEU C 486 -10.56 -13.85 -13.52
CA LEU C 486 -9.76 -13.73 -12.30
C LEU C 486 -10.21 -12.55 -11.44
N ILE C 487 -10.90 -11.60 -12.07
CA ILE C 487 -11.53 -10.50 -11.36
C ILE C 487 -12.53 -10.98 -10.29
N HIS C 488 -13.12 -12.16 -10.51
CA HIS C 488 -14.05 -12.75 -9.56
C HIS C 488 -13.35 -13.23 -8.30
N ASP C 489 -12.14 -13.85 -8.45
CA ASP C 489 -11.50 -14.50 -7.30
C ASP C 489 -10.63 -13.54 -6.49
N THR C 490 -10.30 -12.36 -7.06
CA THR C 490 -9.36 -11.46 -6.45
C THR C 490 -10.11 -10.36 -5.69
N ASN C 491 -11.44 -10.34 -5.80
CA ASN C 491 -12.22 -9.29 -5.16
C ASN C 491 -13.45 -9.83 -4.43
N ILE C 492 -13.90 -9.05 -3.41
CA ILE C 492 -14.97 -9.43 -2.49
C ILE C 492 -16.12 -8.44 -2.68
N THR C 493 -17.33 -8.99 -2.88
CA THR C 493 -18.56 -8.24 -2.67
C THR C 493 -19.03 -8.49 -1.23
N PHE C 494 -19.08 -7.42 -0.42
CA PHE C 494 -19.56 -7.51 0.94
C PHE C 494 -21.07 -7.33 0.95
N MET C 495 -21.79 -8.22 1.67
CA MET C 495 -23.24 -8.26 1.70
C MET C 495 -23.76 -8.59 3.10
N SER C 496 -25.02 -8.18 3.36
CA SER C 496 -25.68 -8.51 4.61
C SER C 496 -25.83 -10.02 4.76
N LYS C 497 -25.83 -10.47 6.00
CA LYS C 497 -26.14 -11.86 6.35
C LYS C 497 -27.47 -12.32 5.77
N SER C 498 -28.50 -11.49 5.83
CA SER C 498 -29.79 -11.92 5.37
C SER C 498 -29.80 -12.13 3.86
N SER C 499 -29.15 -11.25 3.07
CA SER C 499 -29.12 -11.42 1.63
C SER C 499 -28.36 -12.69 1.24
N ILE C 500 -27.30 -13.00 1.97
CA ILE C 500 -26.52 -14.21 1.73
C ILE C 500 -27.34 -15.47 2.07
N GLN C 501 -28.05 -15.44 3.20
CA GLN C 501 -28.89 -16.57 3.61
C GLN C 501 -30.00 -16.79 2.60
N GLN C 502 -30.52 -15.70 2.01
CA GLN C 502 -31.61 -15.77 1.07
C GLN C 502 -31.14 -16.08 -0.34
N GLY C 503 -29.84 -16.27 -0.54
CA GLY C 503 -29.37 -16.76 -1.83
C GLY C 503 -29.28 -15.67 -2.90
N VAL C 504 -29.13 -14.39 -2.53
CA VAL C 504 -29.00 -13.32 -3.52
C VAL C 504 -27.84 -13.54 -4.49
N PRO C 505 -26.65 -13.97 -4.07
CA PRO C 505 -25.60 -14.20 -5.05
C PRO C 505 -25.98 -15.16 -6.17
N ALA C 506 -26.62 -16.30 -5.82
CA ALA C 506 -27.01 -17.28 -6.81
C ALA C 506 -28.12 -16.71 -7.70
N LYS C 507 -29.05 -15.98 -7.09
CA LYS C 507 -30.14 -15.40 -7.85
CA LYS C 507 -30.14 -15.38 -7.84
C LYS C 507 -29.64 -14.44 -8.94
N LEU C 508 -28.64 -13.62 -8.62
CA LEU C 508 -28.15 -12.63 -9.55
C LEU C 508 -27.01 -13.15 -10.40
N GLY C 509 -26.47 -14.31 -10.10
CA GLY C 509 -25.37 -14.85 -10.89
C GLY C 509 -24.03 -14.22 -10.51
N LEU C 510 -23.85 -13.77 -9.26
CA LEU C 510 -22.59 -13.16 -8.80
C LEU C 510 -21.53 -14.24 -8.66
N LYS C 511 -20.35 -13.99 -9.24
N LYS C 511 -20.34 -14.01 -9.26
CA LYS C 511 -19.25 -14.94 -9.19
CA LYS C 511 -19.25 -14.97 -9.19
C LYS C 511 -18.09 -14.47 -8.31
C LYS C 511 -18.15 -14.50 -8.24
N ARG C 512 -18.20 -13.25 -7.80
CA ARG C 512 -17.18 -12.72 -6.91
C ARG C 512 -17.22 -13.45 -5.58
N ARG C 513 -16.08 -13.43 -4.88
CA ARG C 513 -16.08 -13.86 -3.49
CA ARG C 513 -16.10 -13.87 -3.49
C ARG C 513 -17.14 -13.04 -2.75
N ILE C 514 -17.89 -13.72 -1.87
CA ILE C 514 -18.91 -13.05 -1.07
C ILE C 514 -18.43 -12.94 0.37
N GLY C 515 -18.41 -11.71 0.86
CA GLY C 515 -18.00 -11.42 2.21
C GLY C 515 -19.22 -11.10 3.04
N THR C 516 -19.23 -11.54 4.29
CA THR C 516 -20.33 -11.30 5.20
C THR C 516 -20.04 -10.10 6.09
N VAL C 517 -20.97 -9.15 6.13
CA VAL C 517 -20.91 -8.08 7.09
C VAL C 517 -21.41 -8.57 8.44
N LYS C 518 -20.64 -8.33 9.49
CA LYS C 518 -21.05 -8.75 10.84
C LYS C 518 -20.28 -8.03 11.93
N ASN C 519 -20.84 -8.10 13.15
CA ASN C 519 -20.25 -7.54 14.37
C ASN C 519 -20.08 -6.04 14.26
N CYS C 520 -21.14 -5.35 13.80
CA CYS C 520 -21.13 -3.89 13.67
C CYS C 520 -21.93 -3.20 14.76
N ARG C 521 -22.72 -3.94 15.55
CA ARG C 521 -23.68 -3.29 16.44
C ARG C 521 -23.19 -3.29 17.88
N ASN C 522 -22.16 -4.03 18.24
N ASN C 522 -22.08 -4.00 18.12
CA ASN C 522 -21.71 -4.00 19.62
CA ASN C 522 -21.58 -4.32 19.46
C ASN C 522 -20.21 -3.66 19.60
C ASN C 522 -20.42 -3.35 19.82
N ILE C 523 -19.93 -2.61 18.83
CA ILE C 523 -18.68 -1.88 18.93
C ILE C 523 -18.97 -0.44 19.30
N GLY C 524 -17.89 0.28 19.57
CA GLY C 524 -17.94 1.69 19.84
C GLY C 524 -16.59 2.37 19.57
N LYS C 525 -16.47 3.61 20.00
CA LYS C 525 -15.25 4.37 19.89
C LYS C 525 -14.08 3.60 20.50
N LYS C 526 -14.32 2.85 21.59
CA LYS C 526 -13.22 2.16 22.26
C LYS C 526 -12.61 1.08 21.36
N ASP C 527 -13.31 0.68 20.29
CA ASP C 527 -12.82 -0.38 19.41
C ASP C 527 -11.96 0.20 18.27
N MET C 528 -11.83 1.51 18.19
CA MET C 528 -11.03 2.12 17.12
C MET C 528 -9.56 2.10 17.50
N LYS C 529 -8.76 1.36 16.74
CA LYS C 529 -7.37 1.14 17.06
C LYS C 529 -6.58 2.46 17.04
N TRP C 530 -5.87 2.73 18.18
CA TRP C 530 -5.03 3.91 18.35
C TRP C 530 -5.82 5.22 18.28
N ASN C 531 -7.15 5.17 18.23
CA ASN C 531 -7.98 6.35 18.00
C ASN C 531 -9.27 6.24 18.77
N ASP C 532 -9.14 6.00 20.08
CA ASP C 532 -10.23 5.50 20.90
C ASP C 532 -10.67 6.51 21.97
N VAL C 533 -10.37 7.79 21.75
CA VAL C 533 -10.55 8.81 22.77
C VAL C 533 -12.00 9.31 22.76
N THR C 534 -12.62 9.31 23.95
CA THR C 534 -13.93 9.95 24.12
C THR C 534 -13.71 11.15 25.02
N THR C 535 -14.49 12.22 24.81
CA THR C 535 -14.26 13.48 25.49
C THR C 535 -15.45 14.39 25.20
N ASP C 536 -15.59 15.44 25.99
CA ASP C 536 -16.62 16.45 25.75
CA ASP C 536 -16.61 16.46 25.78
C ASP C 536 -16.05 17.51 24.81
N ILE C 537 -16.57 17.55 23.59
CA ILE C 537 -16.13 18.55 22.62
C ILE C 537 -17.14 19.68 22.65
N ASP C 538 -16.67 20.90 22.91
CA ASP C 538 -17.52 22.07 22.93
C ASP C 538 -17.24 22.95 21.72
N ILE C 539 -18.31 23.32 21.02
CA ILE C 539 -18.18 24.20 19.90
C ILE C 539 -19.00 25.45 20.17
N ASN C 540 -18.31 26.58 20.24
CA ASN C 540 -18.92 27.82 20.68
C ASN C 540 -19.88 28.27 19.58
N PRO C 541 -21.18 28.47 19.86
CA PRO C 541 -22.12 28.82 18.80
C PRO C 541 -21.92 30.21 18.18
N GLU C 542 -21.25 31.09 18.93
CA GLU C 542 -21.00 32.43 18.43
C GLU C 542 -19.68 32.53 17.67
N THR C 543 -18.60 31.94 18.19
CA THR C 543 -17.28 32.09 17.61
C THR C 543 -16.81 30.85 16.83
N TYR C 544 -17.46 29.69 17.05
CA TYR C 544 -17.11 28.43 16.40
C TYR C 544 -15.81 27.86 16.96
N GLU C 545 -15.36 28.42 18.09
N GLU C 545 -15.26 28.45 18.00
CA GLU C 545 -14.21 27.96 18.85
CA GLU C 545 -14.06 27.87 18.55
C GLU C 545 -14.44 26.53 19.36
C GLU C 545 -14.41 26.55 19.24
N VAL C 546 -13.44 25.64 19.17
CA VAL C 546 -13.56 24.27 19.61
C VAL C 546 -12.71 24.12 20.86
N LYS C 547 -13.32 23.57 21.91
CA LYS C 547 -12.63 23.26 23.15
C LYS C 547 -12.76 21.77 23.50
N VAL C 548 -11.64 21.23 23.97
CA VAL C 548 -11.55 19.92 24.57
C VAL C 548 -10.75 20.03 25.87
N ASP C 549 -11.29 19.55 26.98
CA ASP C 549 -10.66 19.69 28.30
C ASP C 549 -10.34 21.15 28.60
N GLY C 550 -11.30 22.04 28.31
CA GLY C 550 -11.21 23.44 28.66
C GLY C 550 -10.20 24.23 27.81
N GLU C 551 -9.62 23.60 26.78
CA GLU C 551 -8.55 24.21 26.01
C GLU C 551 -9.05 24.36 24.56
N VAL C 552 -8.86 25.56 24.02
CA VAL C 552 -9.17 25.87 22.63
C VAL C 552 -8.23 25.10 21.73
N LEU C 553 -8.78 24.46 20.69
CA LEU C 553 -7.98 23.75 19.72
C LEU C 553 -7.90 24.60 18.46
N THR C 554 -6.71 25.15 18.24
CA THR C 554 -6.47 25.96 17.07
C THR C 554 -5.08 25.68 16.52
N CYS C 555 -4.94 25.79 15.20
CA CYS C 555 -3.65 25.73 14.56
C CYS C 555 -3.73 26.59 13.30
N GLU C 556 -2.57 26.84 12.74
CA GLU C 556 -2.47 27.69 11.56
C GLU C 556 -2.59 26.82 10.32
N PRO C 557 -3.08 27.39 9.21
CA PRO C 557 -2.98 26.73 7.90
C PRO C 557 -1.57 26.80 7.34
N VAL C 558 -1.16 25.81 6.52
CA VAL C 558 0.18 25.84 5.94
C VAL C 558 0.09 26.26 4.47
N LYS C 559 1.18 26.86 3.97
CA LYS C 559 1.28 27.35 2.60
C LYS C 559 1.76 26.25 1.65
N GLU C 560 2.45 25.25 2.19
CA GLU C 560 3.00 24.19 1.37
C GLU C 560 2.81 22.84 2.06
N LEU C 561 2.69 21.77 1.26
CA LEU C 561 2.61 20.42 1.79
C LEU C 561 3.67 19.57 1.12
N PRO C 562 4.13 18.51 1.79
CA PRO C 562 4.89 17.45 1.13
C PRO C 562 3.91 16.64 0.28
N MET C 563 4.42 15.69 -0.50
CA MET C 563 3.57 14.75 -1.24
C MET C 563 2.65 15.53 -2.18
N ALA C 564 3.23 16.56 -2.80
CA ALA C 564 2.51 17.51 -3.66
C ALA C 564 3.32 17.81 -4.91
N GLN C 565 3.88 19.02 -5.08
CA GLN C 565 4.40 19.42 -6.39
C GLN C 565 5.69 18.72 -6.77
N ARG C 566 6.39 18.05 -5.86
CA ARG C 566 7.51 17.24 -6.28
C ARG C 566 7.09 16.03 -7.14
N TYR C 567 5.83 15.55 -7.01
CA TYR C 567 5.41 14.25 -7.52
C TYR C 567 4.48 14.34 -8.73
N PHE C 568 3.62 15.36 -8.79
CA PHE C 568 2.50 15.36 -9.70
C PHE C 568 2.72 16.21 -10.92
N LEU C 569 2.31 15.66 -12.07
CA LEU C 569 2.47 16.34 -13.33
C LEU C 569 1.44 17.45 -13.51
N PHE C 570 0.32 17.34 -12.80
CA PHE C 570 -0.66 18.41 -12.78
C PHE C 570 -1.18 18.62 -11.37
#